data_8JNT
# 
_entry.id   8JNT 
# 
_audit_conform.dict_name       mmcif_pdbx.dic 
_audit_conform.dict_version    5.392 
_audit_conform.dict_location   http://mmcif.pdb.org/dictionaries/ascii/mmcif_pdbx.dic 
# 
loop_
_database_2.database_id 
_database_2.database_code 
_database_2.pdbx_database_accession 
_database_2.pdbx_DOI 
PDB   8JNT         pdb_00008jnt 10.2210/pdb8jnt/pdb 
WWPDB D_1300038332 ?            ?                   
# 
_pdbx_audit_revision_history.ordinal             1 
_pdbx_audit_revision_history.data_content_type   'Structure model' 
_pdbx_audit_revision_history.major_revision      1 
_pdbx_audit_revision_history.minor_revision      0 
_pdbx_audit_revision_history.revision_date       2024-06-12 
# 
_pdbx_audit_revision_details.ordinal             1 
_pdbx_audit_revision_details.revision_ordinal    1 
_pdbx_audit_revision_details.data_content_type   'Structure model' 
_pdbx_audit_revision_details.provider            repository 
_pdbx_audit_revision_details.type                'Initial release' 
_pdbx_audit_revision_details.description         ? 
_pdbx_audit_revision_details.details             ? 
# 
_pdbx_database_status.status_code                     REL 
_pdbx_database_status.status_code_sf                  REL 
_pdbx_database_status.status_code_mr                  ? 
_pdbx_database_status.entry_id                        8JNT 
_pdbx_database_status.recvd_initial_deposition_date   2023-06-06 
_pdbx_database_status.SG_entry                        N 
_pdbx_database_status.deposit_site                    PDBJ 
_pdbx_database_status.process_site                    PDBC 
_pdbx_database_status.status_code_cs                  ? 
_pdbx_database_status.status_code_nmr_data            ? 
_pdbx_database_status.methods_development_category    ? 
_pdbx_database_status.pdb_format_compatible           Y 
# 
_pdbx_contact_author.id                 2 
_pdbx_contact_author.email              zhxg@sdau.edu.cn 
_pdbx_contact_author.name_first         xiuguo 
_pdbx_contact_author.name_last          Zhang 
_pdbx_contact_author.name_mi            ? 
_pdbx_contact_author.role               'principal investigator/group leader' 
_pdbx_contact_author.identifier_ORCID   0000-0001-9733-8494 
# 
loop_
_audit_author.name 
_audit_author.pdbx_ordinal 
_audit_author.identifier_ORCID 
'Sheng, H.'   1 ? 
'Zhang, X.G.' 2 ? 
# 
_citation.abstract                  ? 
_citation.abstract_id_CAS           ? 
_citation.book_id_ISBN              ? 
_citation.book_publisher            ? 
_citation.book_publisher_city       ? 
_citation.book_title                ? 
_citation.coordinate_linkage        ? 
_citation.country                   ? 
_citation.database_id_Medline       ? 
_citation.details                   ? 
_citation.id                        primary 
_citation.journal_abbrev            'To Be Published' 
_citation.journal_id_ASTM           ? 
_citation.journal_id_CSD            0353 
_citation.journal_id_ISSN           ? 
_citation.journal_full              ? 
_citation.journal_issue             ? 
_citation.journal_volume            ? 
_citation.language                  ? 
_citation.page_first                ? 
_citation.page_last                 ? 
_citation.title                     
'Phytophthora capsici effector RxLR19 manipulates AsA biosynthesis pathway to promote infection by binding host GME protein' 
_citation.year                      ? 
_citation.database_id_CSD           ? 
_citation.pdbx_database_id_DOI      ? 
_citation.pdbx_database_id_PubMed   ? 
_citation.pdbx_database_id_patent   ? 
_citation.unpublished_flag          ? 
# 
loop_
_citation_author.citation_id 
_citation_author.name 
_citation_author.ordinal 
_citation_author.identifier_ORCID 
primary 'Sheng, H.'   1 ? 
primary 'Zhang, X.G.' 2 ? 
# 
loop_
_entity.id 
_entity.type 
_entity.src_method 
_entity.pdbx_description 
_entity.formula_weight 
_entity.pdbx_number_of_molecules 
_entity.pdbx_ec 
_entity.pdbx_mutation 
_entity.pdbx_fragment 
_entity.details 
1 polymer man RxLR19781 8930.301 1  ? ? ? ? 
2 water   nat water     18.015   36 ? ? ? ? 
# 
_entity_poly.entity_id                      1 
_entity_poly.type                           'polypeptide(L)' 
_entity_poly.nstd_linkage                   no 
_entity_poly.nstd_monomer                   no 
_entity_poly.pdbx_seq_one_letter_code       RALDRSIVKNLPEQFKNMYKYPSKMDNVLESWRTGLQSVDDAVMYMKSLGMDFDAISHFVDAYRKHINKKGLPYAAA 
_entity_poly.pdbx_seq_one_letter_code_can   RALDRSIVKNLPEQFKNMYKYPSKMDNVLESWRTGLQSVDDAVMYMKSLGMDFDAISHFVDAYRKHINKKGLPYAAA 
_entity_poly.pdbx_strand_id                 A 
_entity_poly.pdbx_target_identifier         ? 
# 
_pdbx_entity_nonpoly.entity_id   2 
_pdbx_entity_nonpoly.name        water 
_pdbx_entity_nonpoly.comp_id     HOH 
# 
loop_
_entity_poly_seq.entity_id 
_entity_poly_seq.num 
_entity_poly_seq.mon_id 
_entity_poly_seq.hetero 
1 1  ARG n 
1 2  ALA n 
1 3  LEU n 
1 4  ASP n 
1 5  ARG n 
1 6  SER n 
1 7  ILE n 
1 8  VAL n 
1 9  LYS n 
1 10 ASN n 
1 11 LEU n 
1 12 PRO n 
1 13 GLU n 
1 14 GLN n 
1 15 PHE n 
1 16 LYS n 
1 17 ASN n 
1 18 MET n 
1 19 TYR n 
1 20 LYS n 
1 21 TYR n 
1 22 PRO n 
1 23 SER n 
1 24 LYS n 
1 25 MET n 
1 26 ASP n 
1 27 ASN n 
1 28 VAL n 
1 29 LEU n 
1 30 GLU n 
1 31 SER n 
1 32 TRP n 
1 33 ARG n 
1 34 THR n 
1 35 GLY n 
1 36 LEU n 
1 37 GLN n 
1 38 SER n 
1 39 VAL n 
1 40 ASP n 
1 41 ASP n 
1 42 ALA n 
1 43 VAL n 
1 44 MET n 
1 45 TYR n 
1 46 MET n 
1 47 LYS n 
1 48 SER n 
1 49 LEU n 
1 50 GLY n 
1 51 MET n 
1 52 ASP n 
1 53 PHE n 
1 54 ASP n 
1 55 ALA n 
1 56 ILE n 
1 57 SER n 
1 58 HIS n 
1 59 PHE n 
1 60 VAL n 
1 61 ASP n 
1 62 ALA n 
1 63 TYR n 
1 64 ARG n 
1 65 LYS n 
1 66 HIS n 
1 67 ILE n 
1 68 ASN n 
1 69 LYS n 
1 70 LYS n 
1 71 GLY n 
1 72 LEU n 
1 73 PRO n 
1 74 TYR n 
1 75 ALA n 
1 76 ALA n 
1 77 ALA n 
# 
_entity_src_gen.entity_id                          1 
_entity_src_gen.pdbx_src_id                        1 
_entity_src_gen.pdbx_alt_source_flag               sample 
_entity_src_gen.pdbx_seq_type                      'Biological sequence' 
_entity_src_gen.pdbx_beg_seq_num                   1 
_entity_src_gen.pdbx_end_seq_num                   77 
_entity_src_gen.gene_src_common_name               ? 
_entity_src_gen.gene_src_genus                     ? 
_entity_src_gen.pdbx_gene_src_gene                 RxLR19781 
_entity_src_gen.gene_src_species                   ? 
_entity_src_gen.gene_src_strain                    ? 
_entity_src_gen.gene_src_tissue                    ? 
_entity_src_gen.gene_src_tissue_fraction           ? 
_entity_src_gen.gene_src_details                   ? 
_entity_src_gen.pdbx_gene_src_fragment             ? 
_entity_src_gen.pdbx_gene_src_scientific_name      'Phytophthora capsici' 
_entity_src_gen.pdbx_gene_src_ncbi_taxonomy_id     4784 
_entity_src_gen.pdbx_gene_src_variant              ? 
_entity_src_gen.pdbx_gene_src_cell_line            ? 
_entity_src_gen.pdbx_gene_src_atcc                 ? 
_entity_src_gen.pdbx_gene_src_organ                ? 
_entity_src_gen.pdbx_gene_src_organelle            ? 
_entity_src_gen.pdbx_gene_src_cell                 ? 
_entity_src_gen.pdbx_gene_src_cellular_location    ? 
_entity_src_gen.host_org_common_name               ? 
_entity_src_gen.pdbx_host_org_scientific_name      'Escherichia coli' 
_entity_src_gen.pdbx_host_org_ncbi_taxonomy_id     562 
_entity_src_gen.host_org_genus                     ? 
_entity_src_gen.pdbx_host_org_gene                 ? 
_entity_src_gen.pdbx_host_org_organ                ? 
_entity_src_gen.host_org_species                   ? 
_entity_src_gen.pdbx_host_org_tissue               ? 
_entity_src_gen.pdbx_host_org_tissue_fraction      ? 
_entity_src_gen.pdbx_host_org_strain               ? 
_entity_src_gen.pdbx_host_org_variant              ? 
_entity_src_gen.pdbx_host_org_cell_line            ? 
_entity_src_gen.pdbx_host_org_atcc                 ? 
_entity_src_gen.pdbx_host_org_culture_collection   ? 
_entity_src_gen.pdbx_host_org_cell                 ? 
_entity_src_gen.pdbx_host_org_organelle            ? 
_entity_src_gen.pdbx_host_org_cellular_location    ? 
_entity_src_gen.pdbx_host_org_vector_type          ? 
_entity_src_gen.pdbx_host_org_vector               ? 
_entity_src_gen.host_org_details                   ? 
_entity_src_gen.expression_system_id               ? 
_entity_src_gen.plasmid_name                       ? 
_entity_src_gen.plasmid_details                    ? 
_entity_src_gen.pdbx_description                   ? 
# 
loop_
_chem_comp.id 
_chem_comp.type 
_chem_comp.mon_nstd_flag 
_chem_comp.name 
_chem_comp.pdbx_synonyms 
_chem_comp.formula 
_chem_comp.formula_weight 
ALA 'L-peptide linking' y ALANINE         ? 'C3 H7 N O2'     89.093  
ARG 'L-peptide linking' y ARGININE        ? 'C6 H15 N4 O2 1' 175.209 
ASN 'L-peptide linking' y ASPARAGINE      ? 'C4 H8 N2 O3'    132.118 
ASP 'L-peptide linking' y 'ASPARTIC ACID' ? 'C4 H7 N O4'     133.103 
GLN 'L-peptide linking' y GLUTAMINE       ? 'C5 H10 N2 O3'   146.144 
GLU 'L-peptide linking' y 'GLUTAMIC ACID' ? 'C5 H9 N O4'     147.129 
GLY 'peptide linking'   y GLYCINE         ? 'C2 H5 N O2'     75.067  
HIS 'L-peptide linking' y HISTIDINE       ? 'C6 H10 N3 O2 1' 156.162 
HOH non-polymer         . WATER           ? 'H2 O'           18.015  
ILE 'L-peptide linking' y ISOLEUCINE      ? 'C6 H13 N O2'    131.173 
LEU 'L-peptide linking' y LEUCINE         ? 'C6 H13 N O2'    131.173 
LYS 'L-peptide linking' y LYSINE          ? 'C6 H15 N2 O2 1' 147.195 
MET 'L-peptide linking' y METHIONINE      ? 'C5 H11 N O2 S'  149.211 
PHE 'L-peptide linking' y PHENYLALANINE   ? 'C9 H11 N O2'    165.189 
PRO 'L-peptide linking' y PROLINE         ? 'C5 H9 N O2'     115.130 
SER 'L-peptide linking' y SERINE          ? 'C3 H7 N O3'     105.093 
THR 'L-peptide linking' y THREONINE       ? 'C4 H9 N O3'     119.119 
TRP 'L-peptide linking' y TRYPTOPHAN      ? 'C11 H12 N2 O2'  204.225 
TYR 'L-peptide linking' y TYROSINE        ? 'C9 H11 N O3'    181.189 
VAL 'L-peptide linking' y VALINE          ? 'C5 H11 N O2'    117.146 
# 
loop_
_pdbx_poly_seq_scheme.asym_id 
_pdbx_poly_seq_scheme.entity_id 
_pdbx_poly_seq_scheme.seq_id 
_pdbx_poly_seq_scheme.mon_id 
_pdbx_poly_seq_scheme.ndb_seq_num 
_pdbx_poly_seq_scheme.pdb_seq_num 
_pdbx_poly_seq_scheme.auth_seq_num 
_pdbx_poly_seq_scheme.pdb_mon_id 
_pdbx_poly_seq_scheme.auth_mon_id 
_pdbx_poly_seq_scheme.pdb_strand_id 
_pdbx_poly_seq_scheme.pdb_ins_code 
_pdbx_poly_seq_scheme.hetero 
A 1 1  ARG 1  30  30  ARG ARG A . n 
A 1 2  ALA 2  31  31  ALA ALA A . n 
A 1 3  LEU 3  32  32  LEU LEU A . n 
A 1 4  ASP 4  33  33  ASP ASP A . n 
A 1 5  ARG 5  34  34  ARG ARG A . n 
A 1 6  SER 6  35  35  SER SER A . n 
A 1 7  ILE 7  36  36  ILE ILE A . n 
A 1 8  VAL 8  37  37  VAL VAL A . n 
A 1 9  LYS 9  38  38  LYS LYS A . n 
A 1 10 ASN 10 39  39  ASN ASN A . n 
A 1 11 LEU 11 40  40  LEU LEU A . n 
A 1 12 PRO 12 41  41  PRO PRO A . n 
A 1 13 GLU 13 42  42  GLU GLU A . n 
A 1 14 GLN 14 43  43  GLN GLN A . n 
A 1 15 PHE 15 44  44  PHE PHE A . n 
A 1 16 LYS 16 45  45  LYS LYS A . n 
A 1 17 ASN 17 46  46  ASN ASN A . n 
A 1 18 MET 18 47  47  MET MET A . n 
A 1 19 TYR 19 48  48  TYR TYR A . n 
A 1 20 LYS 20 49  49  LYS LYS A . n 
A 1 21 TYR 21 50  50  TYR TYR A . n 
A 1 22 PRO 22 51  51  PRO PRO A . n 
A 1 23 SER 23 52  52  SER SER A . n 
A 1 24 LYS 24 53  53  LYS LYS A . n 
A 1 25 MET 25 54  54  MET MET A . n 
A 1 26 ASP 26 55  55  ASP ASP A . n 
A 1 27 ASN 27 56  56  ASN ASN A . n 
A 1 28 VAL 28 57  57  VAL VAL A . n 
A 1 29 LEU 29 58  58  LEU LEU A . n 
A 1 30 GLU 30 59  59  GLU GLU A . n 
A 1 31 SER 31 60  60  SER SER A . n 
A 1 32 TRP 32 61  61  TRP TRP A . n 
A 1 33 ARG 33 62  62  ARG ARG A . n 
A 1 34 THR 34 63  63  THR THR A . n 
A 1 35 GLY 35 64  64  GLY GLY A . n 
A 1 36 LEU 36 65  65  LEU LEU A . n 
A 1 37 GLN 37 66  66  GLN GLN A . n 
A 1 38 SER 38 67  67  SER SER A . n 
A 1 39 VAL 39 68  68  VAL VAL A . n 
A 1 40 ASP 40 69  69  ASP ASP A . n 
A 1 41 ASP 41 70  70  ASP ASP A . n 
A 1 42 ALA 42 71  71  ALA ALA A . n 
A 1 43 VAL 43 72  72  VAL VAL A . n 
A 1 44 MET 44 73  73  MET MET A . n 
A 1 45 TYR 45 74  74  TYR TYR A . n 
A 1 46 MET 46 75  75  MET MET A . n 
A 1 47 LYS 47 76  76  LYS LYS A . n 
A 1 48 SER 48 77  77  SER SER A . n 
A 1 49 LEU 49 78  78  LEU LEU A . n 
A 1 50 GLY 50 79  79  GLY GLY A . n 
A 1 51 MET 51 80  80  MET MET A . n 
A 1 52 ASP 52 81  81  ASP ASP A . n 
A 1 53 PHE 53 82  82  PHE PHE A . n 
A 1 54 ASP 54 83  83  ASP ASP A . n 
A 1 55 ALA 55 84  84  ALA ALA A . n 
A 1 56 ILE 56 85  85  ILE ILE A . n 
A 1 57 SER 57 86  86  SER SER A . n 
A 1 58 HIS 58 87  87  HIS HIS A . n 
A 1 59 PHE 59 88  88  PHE PHE A . n 
A 1 60 VAL 60 89  89  VAL VAL A . n 
A 1 61 ASP 61 90  90  ASP ASP A . n 
A 1 62 ALA 62 91  91  ALA ALA A . n 
A 1 63 TYR 63 92  92  TYR TYR A . n 
A 1 64 ARG 64 93  93  ARG ARG A . n 
A 1 65 LYS 65 94  94  LYS LYS A . n 
A 1 66 HIS 66 95  95  HIS HIS A . n 
A 1 67 ILE 67 96  96  ILE ILE A . n 
A 1 68 ASN 68 97  97  ASN ASN A . n 
A 1 69 LYS 69 98  98  LYS LYS A . n 
A 1 70 LYS 70 99  99  LYS LYS A . n 
A 1 71 GLY 71 100 100 GLY GLY A . n 
A 1 72 LEU 72 101 101 LEU LEU A . n 
A 1 73 PRO 73 102 102 PRO PRO A . n 
A 1 74 TYR 74 103 103 TYR TYR A . n 
A 1 75 ALA 75 104 104 ALA ALA A . n 
A 1 76 ALA 76 105 105 ALA ALA A . n 
A 1 77 ALA 77 106 106 ALA ALA A . n 
# 
loop_
_pdbx_nonpoly_scheme.asym_id 
_pdbx_nonpoly_scheme.entity_id 
_pdbx_nonpoly_scheme.mon_id 
_pdbx_nonpoly_scheme.ndb_seq_num 
_pdbx_nonpoly_scheme.pdb_seq_num 
_pdbx_nonpoly_scheme.auth_seq_num 
_pdbx_nonpoly_scheme.pdb_mon_id 
_pdbx_nonpoly_scheme.auth_mon_id 
_pdbx_nonpoly_scheme.pdb_strand_id 
_pdbx_nonpoly_scheme.pdb_ins_code 
B 2 HOH 1  201 24 HOH HOH A . 
B 2 HOH 2  202 22 HOH HOH A . 
B 2 HOH 3  203 13 HOH HOH A . 
B 2 HOH 4  204 21 HOH HOH A . 
B 2 HOH 5  205 3  HOH HOH A . 
B 2 HOH 6  206 7  HOH HOH A . 
B 2 HOH 7  207 36 HOH HOH A . 
B 2 HOH 8  208 20 HOH HOH A . 
B 2 HOH 9  209 18 HOH HOH A . 
B 2 HOH 10 210 9  HOH HOH A . 
B 2 HOH 11 211 2  HOH HOH A . 
B 2 HOH 12 212 26 HOH HOH A . 
B 2 HOH 13 213 8  HOH HOH A . 
B 2 HOH 14 214 1  HOH HOH A . 
B 2 HOH 15 215 23 HOH HOH A . 
B 2 HOH 16 216 11 HOH HOH A . 
B 2 HOH 17 217 15 HOH HOH A . 
B 2 HOH 18 218 5  HOH HOH A . 
B 2 HOH 19 219 33 HOH HOH A . 
B 2 HOH 20 220 29 HOH HOH A . 
B 2 HOH 21 221 19 HOH HOH A . 
B 2 HOH 22 222 17 HOH HOH A . 
B 2 HOH 23 223 10 HOH HOH A . 
B 2 HOH 24 224 32 HOH HOH A . 
B 2 HOH 25 225 12 HOH HOH A . 
B 2 HOH 26 226 30 HOH HOH A . 
B 2 HOH 27 227 25 HOH HOH A . 
B 2 HOH 28 228 4  HOH HOH A . 
B 2 HOH 29 229 27 HOH HOH A . 
B 2 HOH 30 230 6  HOH HOH A . 
B 2 HOH 31 231 16 HOH HOH A . 
B 2 HOH 32 232 35 HOH HOH A . 
B 2 HOH 33 233 28 HOH HOH A . 
B 2 HOH 34 234 34 HOH HOH A . 
B 2 HOH 35 235 14 HOH HOH A . 
B 2 HOH 36 236 31 HOH HOH A . 
# 
loop_
_software.citation_id 
_software.classification 
_software.compiler_name 
_software.compiler_version 
_software.contact_author 
_software.contact_author_email 
_software.date 
_software.description 
_software.dependencies 
_software.hardware 
_software.language 
_software.location 
_software.mods 
_software.name 
_software.os 
_software.os_version 
_software.type 
_software.version 
_software.pdbx_ordinal 
? refinement       ? ? ? ? ? ? ? ? ? ? ? PHENIX   ? ? ? 1.9_1692 1 
? 'data reduction' ? ? ? ? ? ? ? ? ? ? ? HKL-3000 ? ? ? .        2 
? 'data scaling'   ? ? ? ? ? ? ? ? ? ? ? HKL-3000 ? ? ? .        3 
? phasing          ? ? ? ? ? ? ? ? ? ? ? SOLVE    ? ? ? .        4 
# 
_cell.angle_alpha                  90.00 
_cell.angle_alpha_esd              ? 
_cell.angle_beta                   90.00 
_cell.angle_beta_esd               ? 
_cell.angle_gamma                  120.00 
_cell.angle_gamma_esd              ? 
_cell.entry_id                     8JNT 
_cell.details                      ? 
_cell.formula_units_Z              ? 
_cell.length_a                     49.741 
_cell.length_a_esd                 ? 
_cell.length_b                     49.741 
_cell.length_b_esd                 ? 
_cell.length_c                     61.170 
_cell.length_c_esd                 ? 
_cell.volume                       ? 
_cell.volume_esd                   ? 
_cell.Z_PDB                        6 
_cell.reciprocal_angle_alpha       ? 
_cell.reciprocal_angle_beta        ? 
_cell.reciprocal_angle_gamma       ? 
_cell.reciprocal_angle_alpha_esd   ? 
_cell.reciprocal_angle_beta_esd    ? 
_cell.reciprocal_angle_gamma_esd   ? 
_cell.reciprocal_length_a          ? 
_cell.reciprocal_length_b          ? 
_cell.reciprocal_length_c          ? 
_cell.reciprocal_length_a_esd      ? 
_cell.reciprocal_length_b_esd      ? 
_cell.reciprocal_length_c_esd      ? 
_cell.pdbx_unique_axis             ? 
_cell.pdbx_esd_method              ? 
# 
_symmetry.entry_id                         8JNT 
_symmetry.cell_setting                     ? 
_symmetry.Int_Tables_number                169 
_symmetry.space_group_name_Hall            ? 
_symmetry.space_group_name_H-M             'P 61' 
_symmetry.pdbx_full_space_group_name_H-M   ? 
# 
_exptl.absorpt_coefficient_mu     ? 
_exptl.absorpt_correction_T_max   ? 
_exptl.absorpt_correction_T_min   ? 
_exptl.absorpt_correction_type    ? 
_exptl.absorpt_process_details    ? 
_exptl.entry_id                   8JNT 
_exptl.crystals_number            1 
_exptl.details                    ? 
_exptl.method                     'X-RAY DIFFRACTION' 
_exptl.method_details             ? 
# 
_exptl_crystal.colour                       ? 
_exptl_crystal.density_diffrn               ? 
_exptl_crystal.density_Matthews             2.45 
_exptl_crystal.density_method               ? 
_exptl_crystal.density_percent_sol          49.88 
_exptl_crystal.description                  ? 
_exptl_crystal.F_000                        ? 
_exptl_crystal.id                           1 
_exptl_crystal.preparation                  ? 
_exptl_crystal.size_max                     ? 
_exptl_crystal.size_mid                     ? 
_exptl_crystal.size_min                     ? 
_exptl_crystal.size_rad                     ? 
_exptl_crystal.colour_lustre                ? 
_exptl_crystal.colour_modifier              ? 
_exptl_crystal.colour_primary               ? 
_exptl_crystal.density_meas                 ? 
_exptl_crystal.density_meas_esd             ? 
_exptl_crystal.density_meas_gt              ? 
_exptl_crystal.density_meas_lt              ? 
_exptl_crystal.density_meas_temp            ? 
_exptl_crystal.density_meas_temp_esd        ? 
_exptl_crystal.density_meas_temp_gt         ? 
_exptl_crystal.density_meas_temp_lt         ? 
_exptl_crystal.pdbx_crystal_image_url       ? 
_exptl_crystal.pdbx_crystal_image_format    ? 
_exptl_crystal.pdbx_mosaicity               ? 
_exptl_crystal.pdbx_mosaicity_esd           ? 
_exptl_crystal.pdbx_mosaic_method           ? 
_exptl_crystal.pdbx_mosaic_block_size       ? 
_exptl_crystal.pdbx_mosaic_block_size_esd   ? 
# 
_exptl_crystal_grow.apparatus       ? 
_exptl_crystal_grow.atmosphere      ? 
_exptl_crystal_grow.crystal_id      1 
_exptl_crystal_grow.details         ? 
_exptl_crystal_grow.method          'VAPOR DIFFUSION, SITTING DROP' 
_exptl_crystal_grow.method_ref      ? 
_exptl_crystal_grow.pH              ? 
_exptl_crystal_grow.pressure        ? 
_exptl_crystal_grow.pressure_esd    ? 
_exptl_crystal_grow.seeding         ? 
_exptl_crystal_grow.seeding_ref     ? 
_exptl_crystal_grow.temp_details    ? 
_exptl_crystal_grow.temp_esd        ? 
_exptl_crystal_grow.time            ? 
_exptl_crystal_grow.pdbx_details    '0.03M Citric acid, 0.07M BIS-TRIS propane pH 7.6, 20% w/v PEG 3350' 
_exptl_crystal_grow.pdbx_pH_range   ? 
_exptl_crystal_grow.temp            283 
# 
_diffrn.ambient_environment              ? 
_diffrn.ambient_temp                     100 
_diffrn.ambient_temp_details             ? 
_diffrn.ambient_temp_esd                 ? 
_diffrn.crystal_id                       1 
_diffrn.crystal_support                  ? 
_diffrn.crystal_treatment                ? 
_diffrn.details                          ? 
_diffrn.id                               1 
_diffrn.ambient_pressure                 ? 
_diffrn.ambient_pressure_esd             ? 
_diffrn.ambient_pressure_gt              ? 
_diffrn.ambient_pressure_lt              ? 
_diffrn.ambient_temp_gt                  ? 
_diffrn.ambient_temp_lt                  ? 
_diffrn.pdbx_serial_crystal_experiment   N 
# 
_diffrn_detector.details                      ? 
_diffrn_detector.detector                     PIXEL 
_diffrn_detector.diffrn_id                    1 
_diffrn_detector.type                         'DECTRIS PILATUS3 6M' 
_diffrn_detector.area_resol_mean              ? 
_diffrn_detector.dtime                        ? 
_diffrn_detector.pdbx_frames_total            ? 
_diffrn_detector.pdbx_collection_time_total   ? 
_diffrn_detector.pdbx_collection_date         2016-05-23 
_diffrn_detector.pdbx_frequency               ? 
_diffrn_detector.id                           ? 
_diffrn_detector.number_of_axes               ? 
# 
_diffrn_radiation.collimation                      ? 
_diffrn_radiation.diffrn_id                        1 
_diffrn_radiation.filter_edge                      ? 
_diffrn_radiation.inhomogeneity                    ? 
_diffrn_radiation.monochromator                    ? 
_diffrn_radiation.polarisn_norm                    ? 
_diffrn_radiation.polarisn_ratio                   ? 
_diffrn_radiation.probe                            ? 
_diffrn_radiation.type                             ? 
_diffrn_radiation.xray_symbol                      ? 
_diffrn_radiation.wavelength_id                    1 
_diffrn_radiation.pdbx_monochromatic_or_laue_m_l   M 
_diffrn_radiation.pdbx_wavelength_list             ? 
_diffrn_radiation.pdbx_wavelength                  ? 
_diffrn_radiation.pdbx_diffrn_protocol             'SINGLE WAVELENGTH' 
_diffrn_radiation.pdbx_analyzer                    ? 
_diffrn_radiation.pdbx_scattering_type             x-ray 
# 
_diffrn_radiation_wavelength.id           1 
_diffrn_radiation_wavelength.wavelength   0.979 
_diffrn_radiation_wavelength.wt           1.0 
# 
_diffrn_source.current                     ? 
_diffrn_source.details                     ? 
_diffrn_source.diffrn_id                   1 
_diffrn_source.power                       ? 
_diffrn_source.size                        ? 
_diffrn_source.source                      SYNCHROTRON 
_diffrn_source.target                      ? 
_diffrn_source.type                        'SSRF BEAMLINE BL18U1' 
_diffrn_source.voltage                     ? 
_diffrn_source.take-off_angle              ? 
_diffrn_source.pdbx_wavelength_list        0.979 
_diffrn_source.pdbx_wavelength             ? 
_diffrn_source.pdbx_synchrotron_beamline   BL18U1 
_diffrn_source.pdbx_synchrotron_site       SSRF 
# 
_reflns.B_iso_Wilson_estimate                          ? 
_reflns.entry_id                                       8JNT 
_reflns.data_reduction_details                         ? 
_reflns.data_reduction_method                          ? 
_reflns.d_resolution_high                              2.2 
_reflns.d_resolution_low                               50.0 
_reflns.details                                        ? 
_reflns.limit_h_max                                    ? 
_reflns.limit_h_min                                    ? 
_reflns.limit_k_max                                    ? 
_reflns.limit_k_min                                    ? 
_reflns.limit_l_max                                    ? 
_reflns.limit_l_min                                    ? 
_reflns.number_all                                     ? 
_reflns.number_obs                                     4403 
_reflns.observed_criterion                             ? 
_reflns.observed_criterion_F_max                       ? 
_reflns.observed_criterion_F_min                       ? 
_reflns.observed_criterion_I_max                       ? 
_reflns.observed_criterion_I_min                       ? 
_reflns.observed_criterion_sigma_F                     ? 
_reflns.observed_criterion_sigma_I                     ? 
_reflns.percent_possible_obs                           100 
_reflns.R_free_details                                 ? 
_reflns.Rmerge_F_all                                   ? 
_reflns.Rmerge_F_obs                                   ? 
_reflns.Friedel_coverage                               ? 
_reflns.number_gt                                      ? 
_reflns.threshold_expression                           ? 
_reflns.pdbx_redundancy                                20 
_reflns.pdbx_netI_over_av_sigmaI                       ? 
_reflns.pdbx_netI_over_sigmaI                          17.75 
_reflns.pdbx_res_netI_over_av_sigmaI_2                 ? 
_reflns.pdbx_res_netI_over_sigmaI_2                    ? 
_reflns.pdbx_chi_squared                               ? 
_reflns.pdbx_scaling_rejects                           ? 
_reflns.pdbx_d_res_high_opt                            ? 
_reflns.pdbx_d_res_low_opt                             ? 
_reflns.pdbx_d_res_opt_method                          ? 
_reflns.phase_calculation_details                      ? 
_reflns.pdbx_Rrim_I_all                                ? 
_reflns.pdbx_Rpim_I_all                                ? 
_reflns.pdbx_d_opt                                     ? 
_reflns.pdbx_number_measured_all                       ? 
_reflns.pdbx_diffrn_id                                 1 
_reflns.pdbx_ordinal                                   1 
_reflns.pdbx_CC_half                                   ? 
_reflns.pdbx_CC_star                                   ? 
_reflns.pdbx_R_split                                   ? 
_reflns.pdbx_Rmerge_I_obs                              0.157 
_reflns.pdbx_Rmerge_I_all                              ? 
_reflns.pdbx_Rsym_value                                ? 
_reflns.pdbx_CC_split_method                           ? 
_reflns.pdbx_aniso_diffraction_limit_axis_1_ortho[1]   ? 
_reflns.pdbx_aniso_diffraction_limit_axis_1_ortho[2]   ? 
_reflns.pdbx_aniso_diffraction_limit_axis_1_ortho[3]   ? 
_reflns.pdbx_aniso_diffraction_limit_axis_2_ortho[1]   ? 
_reflns.pdbx_aniso_diffraction_limit_axis_2_ortho[2]   ? 
_reflns.pdbx_aniso_diffraction_limit_axis_2_ortho[3]   ? 
_reflns.pdbx_aniso_diffraction_limit_axis_3_ortho[1]   ? 
_reflns.pdbx_aniso_diffraction_limit_axis_3_ortho[2]   ? 
_reflns.pdbx_aniso_diffraction_limit_axis_3_ortho[3]   ? 
_reflns.pdbx_aniso_diffraction_limit_1                 ? 
_reflns.pdbx_aniso_diffraction_limit_2                 ? 
_reflns.pdbx_aniso_diffraction_limit_3                 ? 
_reflns.pdbx_aniso_B_tensor_eigenvector_1_ortho[1]     ? 
_reflns.pdbx_aniso_B_tensor_eigenvector_1_ortho[2]     ? 
_reflns.pdbx_aniso_B_tensor_eigenvector_1_ortho[3]     ? 
_reflns.pdbx_aniso_B_tensor_eigenvector_2_ortho[1]     ? 
_reflns.pdbx_aniso_B_tensor_eigenvector_2_ortho[2]     ? 
_reflns.pdbx_aniso_B_tensor_eigenvector_2_ortho[3]     ? 
_reflns.pdbx_aniso_B_tensor_eigenvector_3_ortho[1]     ? 
_reflns.pdbx_aniso_B_tensor_eigenvector_3_ortho[2]     ? 
_reflns.pdbx_aniso_B_tensor_eigenvector_3_ortho[3]     ? 
_reflns.pdbx_aniso_B_tensor_eigenvalue_1               ? 
_reflns.pdbx_aniso_B_tensor_eigenvalue_2               ? 
_reflns.pdbx_aniso_B_tensor_eigenvalue_3               ? 
_reflns.pdbx_orthogonalization_convention              ? 
_reflns.pdbx_percent_possible_ellipsoidal              ? 
_reflns.pdbx_percent_possible_spherical                ? 
_reflns.pdbx_percent_possible_ellipsoidal_anomalous    ? 
_reflns.pdbx_percent_possible_spherical_anomalous      ? 
_reflns.pdbx_redundancy_anomalous                      ? 
_reflns.pdbx_CC_half_anomalous                         ? 
_reflns.pdbx_absDiff_over_sigma_anomalous              ? 
_reflns.pdbx_percent_possible_anomalous                ? 
_reflns.pdbx_observed_signal_threshold                 ? 
_reflns.pdbx_signal_type                               ? 
_reflns.pdbx_signal_details                            ? 
_reflns.pdbx_signal_software_id                        ? 
# 
_reflns_shell.d_res_high                                    2.201 
_reflns_shell.d_res_low                                     43.077 
_reflns_shell.meanI_over_sigI_all                           ? 
_reflns_shell.meanI_over_sigI_obs                           ? 
_reflns_shell.number_measured_all                           ? 
_reflns_shell.number_measured_obs                           ? 
_reflns_shell.number_possible                               ? 
_reflns_shell.number_unique_all                             ? 
_reflns_shell.number_unique_obs                             4403 
_reflns_shell.percent_possible_obs                          ? 
_reflns_shell.Rmerge_F_all                                  ? 
_reflns_shell.Rmerge_F_obs                                  ? 
_reflns_shell.meanI_over_sigI_gt                            ? 
_reflns_shell.meanI_over_uI_all                             ? 
_reflns_shell.meanI_over_uI_gt                              ? 
_reflns_shell.number_measured_gt                            ? 
_reflns_shell.number_unique_gt                              ? 
_reflns_shell.percent_possible_gt                           ? 
_reflns_shell.Rmerge_F_gt                                   ? 
_reflns_shell.Rmerge_I_gt                                   ? 
_reflns_shell.pdbx_redundancy                               ? 
_reflns_shell.pdbx_chi_squared                              ? 
_reflns_shell.pdbx_netI_over_sigmaI_all                     ? 
_reflns_shell.pdbx_netI_over_sigmaI_obs                     ? 
_reflns_shell.pdbx_Rrim_I_all                               ? 
_reflns_shell.pdbx_Rpim_I_all                               ? 
_reflns_shell.pdbx_rejects                                  ? 
_reflns_shell.pdbx_ordinal                                  1 
_reflns_shell.pdbx_diffrn_id                                1 
_reflns_shell.pdbx_CC_half                                  ? 
_reflns_shell.pdbx_CC_star                                  ? 
_reflns_shell.pdbx_R_split                                  ? 
_reflns_shell.percent_possible_all                          ? 
_reflns_shell.Rmerge_I_all                                  ? 
_reflns_shell.Rmerge_I_obs                                  0.901 
_reflns_shell.pdbx_Rsym_value                               ? 
_reflns_shell.pdbx_percent_possible_ellipsoidal             ? 
_reflns_shell.pdbx_percent_possible_spherical               ? 
_reflns_shell.pdbx_percent_possible_ellipsoidal_anomalous   ? 
_reflns_shell.pdbx_percent_possible_spherical_anomalous     ? 
_reflns_shell.pdbx_redundancy_anomalous                     ? 
_reflns_shell.pdbx_CC_half_anomalous                        ? 
_reflns_shell.pdbx_absDiff_over_sigma_anomalous             ? 
_reflns_shell.pdbx_percent_possible_anomalous               ? 
# 
_refine.aniso_B[1][1]                            ? 
_refine.aniso_B[1][2]                            ? 
_refine.aniso_B[1][3]                            ? 
_refine.aniso_B[2][2]                            ? 
_refine.aniso_B[2][3]                            ? 
_refine.aniso_B[3][3]                            ? 
_refine.B_iso_max                                ? 
_refine.B_iso_mean                               ? 
_refine.B_iso_min                                ? 
_refine.correlation_coeff_Fo_to_Fc               ? 
_refine.correlation_coeff_Fo_to_Fc_free          ? 
_refine.details                                  ? 
_refine.diff_density_max                         ? 
_refine.diff_density_max_esd                     ? 
_refine.diff_density_min                         ? 
_refine.diff_density_min_esd                     ? 
_refine.diff_density_rms                         ? 
_refine.diff_density_rms_esd                     ? 
_refine.entry_id                                 8JNT 
_refine.pdbx_refine_id                           'X-RAY DIFFRACTION' 
_refine.ls_abs_structure_details                 ? 
_refine.ls_abs_structure_Flack                   ? 
_refine.ls_abs_structure_Flack_esd               ? 
_refine.ls_abs_structure_Rogers                  ? 
_refine.ls_abs_structure_Rogers_esd              ? 
_refine.ls_d_res_high                            2.201 
_refine.ls_d_res_low                             43.077 
_refine.ls_extinction_coef                       ? 
_refine.ls_extinction_coef_esd                   ? 
_refine.ls_extinction_expression                 ? 
_refine.ls_extinction_method                     ? 
_refine.ls_goodness_of_fit_all                   ? 
_refine.ls_goodness_of_fit_all_esd               ? 
_refine.ls_goodness_of_fit_obs                   ? 
_refine.ls_goodness_of_fit_obs_esd               ? 
_refine.ls_hydrogen_treatment                    ? 
_refine.ls_matrix_type                           ? 
_refine.ls_number_constraints                    ? 
_refine.ls_number_parameters                     ? 
_refine.ls_number_reflns_all                     ? 
_refine.ls_number_reflns_obs                     4403 
_refine.ls_number_reflns_R_free                  204 
_refine.ls_number_reflns_R_work                  ? 
_refine.ls_number_restraints                     ? 
_refine.ls_percent_reflns_obs                    100.00 
_refine.ls_percent_reflns_R_free                 4.63 
_refine.ls_R_factor_all                          ? 
_refine.ls_R_factor_obs                          0.1750 
_refine.ls_R_factor_R_free                       0.2030 
_refine.ls_R_factor_R_free_error                 ? 
_refine.ls_R_factor_R_free_error_details         ? 
_refine.ls_R_factor_R_work                       0.1736 
_refine.ls_R_Fsqd_factor_obs                     ? 
_refine.ls_R_I_factor_obs                        ? 
_refine.ls_redundancy_reflns_all                 ? 
_refine.ls_redundancy_reflns_obs                 ? 
_refine.ls_restrained_S_all                      ? 
_refine.ls_restrained_S_obs                      ? 
_refine.ls_shift_over_esd_max                    ? 
_refine.ls_shift_over_esd_mean                   ? 
_refine.ls_structure_factor_coef                 ? 
_refine.ls_weighting_details                     ? 
_refine.ls_weighting_scheme                      ? 
_refine.ls_wR_factor_all                         ? 
_refine.ls_wR_factor_obs                         ? 
_refine.ls_wR_factor_R_free                      ? 
_refine.ls_wR_factor_R_work                      ? 
_refine.occupancy_max                            ? 
_refine.occupancy_min                            ? 
_refine.solvent_model_details                    'FLAT BULK SOLVENT MODEL' 
_refine.solvent_model_param_bsol                 ? 
_refine.solvent_model_param_ksol                 ? 
_refine.pdbx_R_complete                          ? 
_refine.ls_R_factor_gt                           ? 
_refine.ls_goodness_of_fit_gt                    ? 
_refine.ls_goodness_of_fit_ref                   ? 
_refine.ls_shift_over_su_max                     ? 
_refine.ls_shift_over_su_max_lt                  ? 
_refine.ls_shift_over_su_mean                    ? 
_refine.ls_shift_over_su_mean_lt                 ? 
_refine.pdbx_ls_sigma_I                          ? 
_refine.pdbx_ls_sigma_F                          1.43 
_refine.pdbx_ls_sigma_Fsqd                       ? 
_refine.pdbx_data_cutoff_high_absF               ? 
_refine.pdbx_data_cutoff_high_rms_absF           ? 
_refine.pdbx_data_cutoff_low_absF                ? 
_refine.pdbx_isotropic_thermal_model             ? 
_refine.pdbx_ls_cross_valid_method               'FREE R-VALUE' 
_refine.pdbx_method_to_determine_struct          SAD 
_refine.pdbx_starting_model                      ? 
_refine.pdbx_stereochemistry_target_values       ML 
_refine.pdbx_R_Free_selection_details            ? 
_refine.pdbx_stereochem_target_val_spec_case     ? 
_refine.pdbx_overall_ESU_R                       ? 
_refine.pdbx_overall_ESU_R_Free                  ? 
_refine.pdbx_solvent_vdw_probe_radii             1.11 
_refine.pdbx_solvent_ion_probe_radii             ? 
_refine.pdbx_solvent_shrinkage_radii             0.90 
_refine.pdbx_real_space_R                        ? 
_refine.pdbx_density_correlation                 ? 
_refine.pdbx_pd_number_of_powder_patterns        ? 
_refine.pdbx_pd_number_of_points                 ? 
_refine.pdbx_pd_meas_number_of_points            ? 
_refine.pdbx_pd_proc_ls_prof_R_factor            ? 
_refine.pdbx_pd_proc_ls_prof_wR_factor           ? 
_refine.pdbx_pd_Marquardt_correlation_coeff      ? 
_refine.pdbx_pd_Fsqrd_R_factor                   ? 
_refine.pdbx_pd_ls_matrix_band_width             ? 
_refine.pdbx_overall_phase_error                 23.41 
_refine.pdbx_overall_SU_R_free_Cruickshank_DPI   ? 
_refine.pdbx_overall_SU_R_free_Blow_DPI          ? 
_refine.pdbx_overall_SU_R_Blow_DPI               ? 
_refine.pdbx_TLS_residual_ADP_flag               ? 
_refine.pdbx_diffrn_id                           1 
_refine.overall_SU_B                             ? 
_refine.overall_SU_ML                            0.23 
_refine.overall_SU_R_Cruickshank_DPI             ? 
_refine.overall_SU_R_free                        ? 
_refine.overall_FOM_free_R_set                   ? 
_refine.overall_FOM_work_R_set                   ? 
_refine.pdbx_average_fsc_overall                 ? 
_refine.pdbx_average_fsc_work                    ? 
_refine.pdbx_average_fsc_free                    ? 
# 
_refine_hist.pdbx_refine_id                   'X-RAY DIFFRACTION' 
_refine_hist.cycle_id                         LAST 
_refine_hist.details                          ? 
_refine_hist.d_res_high                       2.201 
_refine_hist.d_res_low                        43.077 
_refine_hist.number_atoms_solvent             36 
_refine_hist.number_atoms_total               661 
_refine_hist.number_reflns_all                ? 
_refine_hist.number_reflns_obs                ? 
_refine_hist.number_reflns_R_free             ? 
_refine_hist.number_reflns_R_work             ? 
_refine_hist.R_factor_all                     ? 
_refine_hist.R_factor_obs                     ? 
_refine_hist.R_factor_R_free                  ? 
_refine_hist.R_factor_R_work                  ? 
_refine_hist.pdbx_number_residues_total       ? 
_refine_hist.pdbx_B_iso_mean_ligand           ? 
_refine_hist.pdbx_B_iso_mean_solvent          ? 
_refine_hist.pdbx_number_atoms_protein        625 
_refine_hist.pdbx_number_atoms_nucleic_acid   0 
_refine_hist.pdbx_number_atoms_ligand         0 
_refine_hist.pdbx_number_atoms_lipid          ? 
_refine_hist.pdbx_number_atoms_carb           ? 
_refine_hist.pdbx_pseudo_atom_details         ? 
# 
loop_
_refine_ls_restr.pdbx_refine_id 
_refine_ls_restr.criterion 
_refine_ls_restr.dev_ideal 
_refine_ls_restr.dev_ideal_target 
_refine_ls_restr.number 
_refine_ls_restr.rejects 
_refine_ls_restr.type 
_refine_ls_restr.weight 
_refine_ls_restr.pdbx_restraint_function 
'X-RAY DIFFRACTION' ? 0.009  ? 639 ? f_bond_d           ? ? 
'X-RAY DIFFRACTION' ? 1.058  ? 858 ? f_angle_d          ? ? 
'X-RAY DIFFRACTION' ? 14.894 ? 243 ? f_dihedral_angle_d ? ? 
'X-RAY DIFFRACTION' ? 0.038  ? 89  ? f_chiral_restr     ? ? 
'X-RAY DIFFRACTION' ? 0.005  ? 109 ? f_plane_restr      ? ? 
# 
_refine_ls_shell.pdbx_refine_id                   'X-RAY DIFFRACTION' 
_refine_ls_shell.d_res_high                       2.2012 
_refine_ls_shell.d_res_low                        43.077 
_refine_ls_shell.number_reflns_all                ? 
_refine_ls_shell.number_reflns_obs                ? 
_refine_ls_shell.number_reflns_R_free             204 
_refine_ls_shell.number_reflns_R_work             4199 
_refine_ls_shell.percent_reflns_obs               100.00 
_refine_ls_shell.percent_reflns_R_free            ? 
_refine_ls_shell.R_factor_all                     ? 
_refine_ls_shell.R_factor_obs                     ? 
_refine_ls_shell.R_factor_R_free_error            ? 
_refine_ls_shell.R_factor_R_work                  0.1736 
_refine_ls_shell.redundancy_reflns_all            ? 
_refine_ls_shell.redundancy_reflns_obs            ? 
_refine_ls_shell.wR_factor_all                    ? 
_refine_ls_shell.wR_factor_obs                    ? 
_refine_ls_shell.wR_factor_R_free                 ? 
_refine_ls_shell.wR_factor_R_work                 ? 
_refine_ls_shell.pdbx_R_complete                  ? 
_refine_ls_shell.pdbx_total_number_of_bins_used   ? 
_refine_ls_shell.pdbx_phase_error                 ? 
_refine_ls_shell.pdbx_fsc_work                    ? 
_refine_ls_shell.pdbx_fsc_free                    ? 
_refine_ls_shell.R_factor_R_free                  0.2030 
# 
_struct.entry_id                     8JNT 
_struct.title                        'RxLR effector RxLR19 from Phytophthora capsici' 
_struct.pdbx_model_details           ? 
_struct.pdbx_formula_weight          ? 
_struct.pdbx_formula_weight_method   ? 
_struct.pdbx_model_type_details      ? 
_struct.pdbx_CASP_flag               N 
# 
_struct_keywords.entry_id        8JNT 
_struct_keywords.text            'RxLR effector, nucleus and cytoplasm, UNKNOWN FUNCTION' 
_struct_keywords.pdbx_keywords   'UNKNOWN FUNCTION' 
# 
loop_
_struct_asym.id 
_struct_asym.pdbx_blank_PDB_chainid_flag 
_struct_asym.pdbx_modified 
_struct_asym.entity_id 
_struct_asym.details 
A N N 1 ? 
B N N 2 ? 
# 
_struct_ref.id                         1 
_struct_ref.db_name                    UNP 
_struct_ref.db_code                    A0A6M3YRV4_PHYCP 
_struct_ref.pdbx_db_accession          A0A6M3YRV4 
_struct_ref.pdbx_db_isoform            ? 
_struct_ref.entity_id                  1 
_struct_ref.pdbx_seq_one_letter_code   RALDRSIVKNLPEQFKNMYKYPSKMDNVLESWRTGLQSVDDAVMYMKSLGMDFDAISHFVDAYRKHINKKGLPY 
_struct_ref.pdbx_align_begin           48 
# 
_struct_ref_seq.align_id                      1 
_struct_ref_seq.ref_id                        1 
_struct_ref_seq.pdbx_PDB_id_code              8JNT 
_struct_ref_seq.pdbx_strand_id                A 
_struct_ref_seq.seq_align_beg                 1 
_struct_ref_seq.pdbx_seq_align_beg_ins_code   ? 
_struct_ref_seq.seq_align_end                 74 
_struct_ref_seq.pdbx_seq_align_end_ins_code   ? 
_struct_ref_seq.pdbx_db_accession             A0A6M3YRV4 
_struct_ref_seq.db_align_beg                  48 
_struct_ref_seq.pdbx_db_align_beg_ins_code    ? 
_struct_ref_seq.db_align_end                  121 
_struct_ref_seq.pdbx_db_align_end_ins_code    ? 
_struct_ref_seq.pdbx_auth_seq_align_beg       30 
_struct_ref_seq.pdbx_auth_seq_align_end       103 
# 
loop_
_struct_ref_seq_dif.align_id 
_struct_ref_seq_dif.pdbx_pdb_id_code 
_struct_ref_seq_dif.mon_id 
_struct_ref_seq_dif.pdbx_pdb_strand_id 
_struct_ref_seq_dif.seq_num 
_struct_ref_seq_dif.pdbx_pdb_ins_code 
_struct_ref_seq_dif.pdbx_seq_db_name 
_struct_ref_seq_dif.pdbx_seq_db_accession_code 
_struct_ref_seq_dif.db_mon_id 
_struct_ref_seq_dif.pdbx_seq_db_seq_num 
_struct_ref_seq_dif.details 
_struct_ref_seq_dif.pdbx_auth_seq_num 
_struct_ref_seq_dif.pdbx_ordinal 
1 8JNT ALA A 75 ? UNP A0A6M3YRV4 ? ? 'expression tag' 104 1 
1 8JNT ALA A 76 ? UNP A0A6M3YRV4 ? ? 'expression tag' 105 2 
1 8JNT ALA A 77 ? UNP A0A6M3YRV4 ? ? 'expression tag' 106 3 
# 
_pdbx_struct_assembly.id                   1 
_pdbx_struct_assembly.details              author_defined_assembly 
_pdbx_struct_assembly.method_details       ? 
_pdbx_struct_assembly.oligomeric_details   monomeric 
_pdbx_struct_assembly.oligomeric_count     1 
# 
_pdbx_struct_assembly_gen.assembly_id       1 
_pdbx_struct_assembly_gen.oper_expression   1 
_pdbx_struct_assembly_gen.asym_id_list      A,B 
# 
_pdbx_struct_assembly_auth_evidence.id                     1 
_pdbx_struct_assembly_auth_evidence.assembly_id            1 
_pdbx_struct_assembly_auth_evidence.experimental_support   'gel filtration' 
_pdbx_struct_assembly_auth_evidence.details                ? 
# 
_pdbx_struct_oper_list.id                   1 
_pdbx_struct_oper_list.type                 'identity operation' 
_pdbx_struct_oper_list.name                 1_555 
_pdbx_struct_oper_list.symmetry_operation   x,y,z 
_pdbx_struct_oper_list.matrix[1][1]         1.0000000000 
_pdbx_struct_oper_list.matrix[1][2]         0.0000000000 
_pdbx_struct_oper_list.matrix[1][3]         0.0000000000 
_pdbx_struct_oper_list.vector[1]            0.0000000000 
_pdbx_struct_oper_list.matrix[2][1]         0.0000000000 
_pdbx_struct_oper_list.matrix[2][2]         1.0000000000 
_pdbx_struct_oper_list.matrix[2][3]         0.0000000000 
_pdbx_struct_oper_list.vector[2]            0.0000000000 
_pdbx_struct_oper_list.matrix[3][1]         0.0000000000 
_pdbx_struct_oper_list.matrix[3][2]         0.0000000000 
_pdbx_struct_oper_list.matrix[3][3]         1.0000000000 
_pdbx_struct_oper_list.vector[3]            0.0000000000 
# 
loop_
_struct_conf.conf_type_id 
_struct_conf.id 
_struct_conf.pdbx_PDB_helix_id 
_struct_conf.beg_label_comp_id 
_struct_conf.beg_label_asym_id 
_struct_conf.beg_label_seq_id 
_struct_conf.pdbx_beg_PDB_ins_code 
_struct_conf.end_label_comp_id 
_struct_conf.end_label_asym_id 
_struct_conf.end_label_seq_id 
_struct_conf.pdbx_end_PDB_ins_code 
_struct_conf.beg_auth_comp_id 
_struct_conf.beg_auth_asym_id 
_struct_conf.beg_auth_seq_id 
_struct_conf.end_auth_comp_id 
_struct_conf.end_auth_asym_id 
_struct_conf.end_auth_seq_id 
_struct_conf.pdbx_PDB_helix_class 
_struct_conf.details 
_struct_conf.pdbx_PDB_helix_length 
HELX_P HELX_P1 AA1 ASP A 4  ? ASN A 10 ? ASP A 33 ASN A 39  1 ? 7  
HELX_P HELX_P2 AA2 PRO A 12 ? TYR A 21 ? PRO A 41 TYR A 50  1 ? 10 
HELX_P HELX_P3 AA3 TYR A 21 ? GLY A 35 ? TYR A 50 GLY A 64  1 ? 15 
HELX_P HELX_P4 AA4 SER A 38 ? LEU A 49 ? SER A 67 LEU A 78  1 ? 12 
HELX_P HELX_P5 AA5 ASP A 52 ? GLY A 71 ? ASP A 81 GLY A 100 1 ? 20 
# 
_struct_conf_type.id          HELX_P 
_struct_conf_type.criteria    ? 
_struct_conf_type.reference   ? 
# 
_pdbx_validate_close_contact.id               1 
_pdbx_validate_close_contact.PDB_model_num    1 
_pdbx_validate_close_contact.auth_atom_id_1   N 
_pdbx_validate_close_contact.auth_asym_id_1   A 
_pdbx_validate_close_contact.auth_comp_id_1   ASP 
_pdbx_validate_close_contact.auth_seq_id_1    33 
_pdbx_validate_close_contact.PDB_ins_code_1   ? 
_pdbx_validate_close_contact.label_alt_id_1   ? 
_pdbx_validate_close_contact.auth_atom_id_2   O 
_pdbx_validate_close_contact.auth_asym_id_2   A 
_pdbx_validate_close_contact.auth_comp_id_2   HOH 
_pdbx_validate_close_contact.auth_seq_id_2    201 
_pdbx_validate_close_contact.PDB_ins_code_2   ? 
_pdbx_validate_close_contact.label_alt_id_2   ? 
_pdbx_validate_close_contact.dist             2.14 
# 
_pdbx_entry_details.entry_id                 8JNT 
_pdbx_entry_details.nonpolymer_details       ? 
_pdbx_entry_details.sequence_details         ? 
_pdbx_entry_details.compound_details         ? 
_pdbx_entry_details.source_details           ? 
_pdbx_entry_details.has_ligand_of_interest   Y 
# 
loop_
_chem_comp_atom.comp_id 
_chem_comp_atom.atom_id 
_chem_comp_atom.type_symbol 
_chem_comp_atom.pdbx_aromatic_flag 
_chem_comp_atom.pdbx_stereo_config 
_chem_comp_atom.pdbx_ordinal 
ALA N    N N N 1   
ALA CA   C N S 2   
ALA C    C N N 3   
ALA O    O N N 4   
ALA CB   C N N 5   
ALA OXT  O N N 6   
ALA H    H N N 7   
ALA H2   H N N 8   
ALA HA   H N N 9   
ALA HB1  H N N 10  
ALA HB2  H N N 11  
ALA HB3  H N N 12  
ALA HXT  H N N 13  
ARG N    N N N 14  
ARG CA   C N S 15  
ARG C    C N N 16  
ARG O    O N N 17  
ARG CB   C N N 18  
ARG CG   C N N 19  
ARG CD   C N N 20  
ARG NE   N N N 21  
ARG CZ   C N N 22  
ARG NH1  N N N 23  
ARG NH2  N N N 24  
ARG OXT  O N N 25  
ARG H    H N N 26  
ARG H2   H N N 27  
ARG HA   H N N 28  
ARG HB2  H N N 29  
ARG HB3  H N N 30  
ARG HG2  H N N 31  
ARG HG3  H N N 32  
ARG HD2  H N N 33  
ARG HD3  H N N 34  
ARG HE   H N N 35  
ARG HH11 H N N 36  
ARG HH12 H N N 37  
ARG HH21 H N N 38  
ARG HH22 H N N 39  
ARG HXT  H N N 40  
ASN N    N N N 41  
ASN CA   C N S 42  
ASN C    C N N 43  
ASN O    O N N 44  
ASN CB   C N N 45  
ASN CG   C N N 46  
ASN OD1  O N N 47  
ASN ND2  N N N 48  
ASN OXT  O N N 49  
ASN H    H N N 50  
ASN H2   H N N 51  
ASN HA   H N N 52  
ASN HB2  H N N 53  
ASN HB3  H N N 54  
ASN HD21 H N N 55  
ASN HD22 H N N 56  
ASN HXT  H N N 57  
ASP N    N N N 58  
ASP CA   C N S 59  
ASP C    C N N 60  
ASP O    O N N 61  
ASP CB   C N N 62  
ASP CG   C N N 63  
ASP OD1  O N N 64  
ASP OD2  O N N 65  
ASP OXT  O N N 66  
ASP H    H N N 67  
ASP H2   H N N 68  
ASP HA   H N N 69  
ASP HB2  H N N 70  
ASP HB3  H N N 71  
ASP HD2  H N N 72  
ASP HXT  H N N 73  
GLN N    N N N 74  
GLN CA   C N S 75  
GLN C    C N N 76  
GLN O    O N N 77  
GLN CB   C N N 78  
GLN CG   C N N 79  
GLN CD   C N N 80  
GLN OE1  O N N 81  
GLN NE2  N N N 82  
GLN OXT  O N N 83  
GLN H    H N N 84  
GLN H2   H N N 85  
GLN HA   H N N 86  
GLN HB2  H N N 87  
GLN HB3  H N N 88  
GLN HG2  H N N 89  
GLN HG3  H N N 90  
GLN HE21 H N N 91  
GLN HE22 H N N 92  
GLN HXT  H N N 93  
GLU N    N N N 94  
GLU CA   C N S 95  
GLU C    C N N 96  
GLU O    O N N 97  
GLU CB   C N N 98  
GLU CG   C N N 99  
GLU CD   C N N 100 
GLU OE1  O N N 101 
GLU OE2  O N N 102 
GLU OXT  O N N 103 
GLU H    H N N 104 
GLU H2   H N N 105 
GLU HA   H N N 106 
GLU HB2  H N N 107 
GLU HB3  H N N 108 
GLU HG2  H N N 109 
GLU HG3  H N N 110 
GLU HE2  H N N 111 
GLU HXT  H N N 112 
GLY N    N N N 113 
GLY CA   C N N 114 
GLY C    C N N 115 
GLY O    O N N 116 
GLY OXT  O N N 117 
GLY H    H N N 118 
GLY H2   H N N 119 
GLY HA2  H N N 120 
GLY HA3  H N N 121 
GLY HXT  H N N 122 
HIS N    N N N 123 
HIS CA   C N S 124 
HIS C    C N N 125 
HIS O    O N N 126 
HIS CB   C N N 127 
HIS CG   C Y N 128 
HIS ND1  N Y N 129 
HIS CD2  C Y N 130 
HIS CE1  C Y N 131 
HIS NE2  N Y N 132 
HIS OXT  O N N 133 
HIS H    H N N 134 
HIS H2   H N N 135 
HIS HA   H N N 136 
HIS HB2  H N N 137 
HIS HB3  H N N 138 
HIS HD1  H N N 139 
HIS HD2  H N N 140 
HIS HE1  H N N 141 
HIS HE2  H N N 142 
HIS HXT  H N N 143 
HOH O    O N N 144 
HOH H1   H N N 145 
HOH H2   H N N 146 
ILE N    N N N 147 
ILE CA   C N S 148 
ILE C    C N N 149 
ILE O    O N N 150 
ILE CB   C N S 151 
ILE CG1  C N N 152 
ILE CG2  C N N 153 
ILE CD1  C N N 154 
ILE OXT  O N N 155 
ILE H    H N N 156 
ILE H2   H N N 157 
ILE HA   H N N 158 
ILE HB   H N N 159 
ILE HG12 H N N 160 
ILE HG13 H N N 161 
ILE HG21 H N N 162 
ILE HG22 H N N 163 
ILE HG23 H N N 164 
ILE HD11 H N N 165 
ILE HD12 H N N 166 
ILE HD13 H N N 167 
ILE HXT  H N N 168 
LEU N    N N N 169 
LEU CA   C N S 170 
LEU C    C N N 171 
LEU O    O N N 172 
LEU CB   C N N 173 
LEU CG   C N N 174 
LEU CD1  C N N 175 
LEU CD2  C N N 176 
LEU OXT  O N N 177 
LEU H    H N N 178 
LEU H2   H N N 179 
LEU HA   H N N 180 
LEU HB2  H N N 181 
LEU HB3  H N N 182 
LEU HG   H N N 183 
LEU HD11 H N N 184 
LEU HD12 H N N 185 
LEU HD13 H N N 186 
LEU HD21 H N N 187 
LEU HD22 H N N 188 
LEU HD23 H N N 189 
LEU HXT  H N N 190 
LYS N    N N N 191 
LYS CA   C N S 192 
LYS C    C N N 193 
LYS O    O N N 194 
LYS CB   C N N 195 
LYS CG   C N N 196 
LYS CD   C N N 197 
LYS CE   C N N 198 
LYS NZ   N N N 199 
LYS OXT  O N N 200 
LYS H    H N N 201 
LYS H2   H N N 202 
LYS HA   H N N 203 
LYS HB2  H N N 204 
LYS HB3  H N N 205 
LYS HG2  H N N 206 
LYS HG3  H N N 207 
LYS HD2  H N N 208 
LYS HD3  H N N 209 
LYS HE2  H N N 210 
LYS HE3  H N N 211 
LYS HZ1  H N N 212 
LYS HZ2  H N N 213 
LYS HZ3  H N N 214 
LYS HXT  H N N 215 
MET N    N N N 216 
MET CA   C N S 217 
MET C    C N N 218 
MET O    O N N 219 
MET CB   C N N 220 
MET CG   C N N 221 
MET SD   S N N 222 
MET CE   C N N 223 
MET OXT  O N N 224 
MET H    H N N 225 
MET H2   H N N 226 
MET HA   H N N 227 
MET HB2  H N N 228 
MET HB3  H N N 229 
MET HG2  H N N 230 
MET HG3  H N N 231 
MET HE1  H N N 232 
MET HE2  H N N 233 
MET HE3  H N N 234 
MET HXT  H N N 235 
PHE N    N N N 236 
PHE CA   C N S 237 
PHE C    C N N 238 
PHE O    O N N 239 
PHE CB   C N N 240 
PHE CG   C Y N 241 
PHE CD1  C Y N 242 
PHE CD2  C Y N 243 
PHE CE1  C Y N 244 
PHE CE2  C Y N 245 
PHE CZ   C Y N 246 
PHE OXT  O N N 247 
PHE H    H N N 248 
PHE H2   H N N 249 
PHE HA   H N N 250 
PHE HB2  H N N 251 
PHE HB3  H N N 252 
PHE HD1  H N N 253 
PHE HD2  H N N 254 
PHE HE1  H N N 255 
PHE HE2  H N N 256 
PHE HZ   H N N 257 
PHE HXT  H N N 258 
PRO N    N N N 259 
PRO CA   C N S 260 
PRO C    C N N 261 
PRO O    O N N 262 
PRO CB   C N N 263 
PRO CG   C N N 264 
PRO CD   C N N 265 
PRO OXT  O N N 266 
PRO H    H N N 267 
PRO HA   H N N 268 
PRO HB2  H N N 269 
PRO HB3  H N N 270 
PRO HG2  H N N 271 
PRO HG3  H N N 272 
PRO HD2  H N N 273 
PRO HD3  H N N 274 
PRO HXT  H N N 275 
SER N    N N N 276 
SER CA   C N S 277 
SER C    C N N 278 
SER O    O N N 279 
SER CB   C N N 280 
SER OG   O N N 281 
SER OXT  O N N 282 
SER H    H N N 283 
SER H2   H N N 284 
SER HA   H N N 285 
SER HB2  H N N 286 
SER HB3  H N N 287 
SER HG   H N N 288 
SER HXT  H N N 289 
THR N    N N N 290 
THR CA   C N S 291 
THR C    C N N 292 
THR O    O N N 293 
THR CB   C N R 294 
THR OG1  O N N 295 
THR CG2  C N N 296 
THR OXT  O N N 297 
THR H    H N N 298 
THR H2   H N N 299 
THR HA   H N N 300 
THR HB   H N N 301 
THR HG1  H N N 302 
THR HG21 H N N 303 
THR HG22 H N N 304 
THR HG23 H N N 305 
THR HXT  H N N 306 
TRP N    N N N 307 
TRP CA   C N S 308 
TRP C    C N N 309 
TRP O    O N N 310 
TRP CB   C N N 311 
TRP CG   C Y N 312 
TRP CD1  C Y N 313 
TRP CD2  C Y N 314 
TRP NE1  N Y N 315 
TRP CE2  C Y N 316 
TRP CE3  C Y N 317 
TRP CZ2  C Y N 318 
TRP CZ3  C Y N 319 
TRP CH2  C Y N 320 
TRP OXT  O N N 321 
TRP H    H N N 322 
TRP H2   H N N 323 
TRP HA   H N N 324 
TRP HB2  H N N 325 
TRP HB3  H N N 326 
TRP HD1  H N N 327 
TRP HE1  H N N 328 
TRP HE3  H N N 329 
TRP HZ2  H N N 330 
TRP HZ3  H N N 331 
TRP HH2  H N N 332 
TRP HXT  H N N 333 
TYR N    N N N 334 
TYR CA   C N S 335 
TYR C    C N N 336 
TYR O    O N N 337 
TYR CB   C N N 338 
TYR CG   C Y N 339 
TYR CD1  C Y N 340 
TYR CD2  C Y N 341 
TYR CE1  C Y N 342 
TYR CE2  C Y N 343 
TYR CZ   C Y N 344 
TYR OH   O N N 345 
TYR OXT  O N N 346 
TYR H    H N N 347 
TYR H2   H N N 348 
TYR HA   H N N 349 
TYR HB2  H N N 350 
TYR HB3  H N N 351 
TYR HD1  H N N 352 
TYR HD2  H N N 353 
TYR HE1  H N N 354 
TYR HE2  H N N 355 
TYR HH   H N N 356 
TYR HXT  H N N 357 
VAL N    N N N 358 
VAL CA   C N S 359 
VAL C    C N N 360 
VAL O    O N N 361 
VAL CB   C N N 362 
VAL CG1  C N N 363 
VAL CG2  C N N 364 
VAL OXT  O N N 365 
VAL H    H N N 366 
VAL H2   H N N 367 
VAL HA   H N N 368 
VAL HB   H N N 369 
VAL HG11 H N N 370 
VAL HG12 H N N 371 
VAL HG13 H N N 372 
VAL HG21 H N N 373 
VAL HG22 H N N 374 
VAL HG23 H N N 375 
VAL HXT  H N N 376 
# 
loop_
_chem_comp_bond.comp_id 
_chem_comp_bond.atom_id_1 
_chem_comp_bond.atom_id_2 
_chem_comp_bond.value_order 
_chem_comp_bond.pdbx_aromatic_flag 
_chem_comp_bond.pdbx_stereo_config 
_chem_comp_bond.pdbx_ordinal 
ALA N   CA   sing N N 1   
ALA N   H    sing N N 2   
ALA N   H2   sing N N 3   
ALA CA  C    sing N N 4   
ALA CA  CB   sing N N 5   
ALA CA  HA   sing N N 6   
ALA C   O    doub N N 7   
ALA C   OXT  sing N N 8   
ALA CB  HB1  sing N N 9   
ALA CB  HB2  sing N N 10  
ALA CB  HB3  sing N N 11  
ALA OXT HXT  sing N N 12  
ARG N   CA   sing N N 13  
ARG N   H    sing N N 14  
ARG N   H2   sing N N 15  
ARG CA  C    sing N N 16  
ARG CA  CB   sing N N 17  
ARG CA  HA   sing N N 18  
ARG C   O    doub N N 19  
ARG C   OXT  sing N N 20  
ARG CB  CG   sing N N 21  
ARG CB  HB2  sing N N 22  
ARG CB  HB3  sing N N 23  
ARG CG  CD   sing N N 24  
ARG CG  HG2  sing N N 25  
ARG CG  HG3  sing N N 26  
ARG CD  NE   sing N N 27  
ARG CD  HD2  sing N N 28  
ARG CD  HD3  sing N N 29  
ARG NE  CZ   sing N N 30  
ARG NE  HE   sing N N 31  
ARG CZ  NH1  sing N N 32  
ARG CZ  NH2  doub N N 33  
ARG NH1 HH11 sing N N 34  
ARG NH1 HH12 sing N N 35  
ARG NH2 HH21 sing N N 36  
ARG NH2 HH22 sing N N 37  
ARG OXT HXT  sing N N 38  
ASN N   CA   sing N N 39  
ASN N   H    sing N N 40  
ASN N   H2   sing N N 41  
ASN CA  C    sing N N 42  
ASN CA  CB   sing N N 43  
ASN CA  HA   sing N N 44  
ASN C   O    doub N N 45  
ASN C   OXT  sing N N 46  
ASN CB  CG   sing N N 47  
ASN CB  HB2  sing N N 48  
ASN CB  HB3  sing N N 49  
ASN CG  OD1  doub N N 50  
ASN CG  ND2  sing N N 51  
ASN ND2 HD21 sing N N 52  
ASN ND2 HD22 sing N N 53  
ASN OXT HXT  sing N N 54  
ASP N   CA   sing N N 55  
ASP N   H    sing N N 56  
ASP N   H2   sing N N 57  
ASP CA  C    sing N N 58  
ASP CA  CB   sing N N 59  
ASP CA  HA   sing N N 60  
ASP C   O    doub N N 61  
ASP C   OXT  sing N N 62  
ASP CB  CG   sing N N 63  
ASP CB  HB2  sing N N 64  
ASP CB  HB3  sing N N 65  
ASP CG  OD1  doub N N 66  
ASP CG  OD2  sing N N 67  
ASP OD2 HD2  sing N N 68  
ASP OXT HXT  sing N N 69  
GLN N   CA   sing N N 70  
GLN N   H    sing N N 71  
GLN N   H2   sing N N 72  
GLN CA  C    sing N N 73  
GLN CA  CB   sing N N 74  
GLN CA  HA   sing N N 75  
GLN C   O    doub N N 76  
GLN C   OXT  sing N N 77  
GLN CB  CG   sing N N 78  
GLN CB  HB2  sing N N 79  
GLN CB  HB3  sing N N 80  
GLN CG  CD   sing N N 81  
GLN CG  HG2  sing N N 82  
GLN CG  HG3  sing N N 83  
GLN CD  OE1  doub N N 84  
GLN CD  NE2  sing N N 85  
GLN NE2 HE21 sing N N 86  
GLN NE2 HE22 sing N N 87  
GLN OXT HXT  sing N N 88  
GLU N   CA   sing N N 89  
GLU N   H    sing N N 90  
GLU N   H2   sing N N 91  
GLU CA  C    sing N N 92  
GLU CA  CB   sing N N 93  
GLU CA  HA   sing N N 94  
GLU C   O    doub N N 95  
GLU C   OXT  sing N N 96  
GLU CB  CG   sing N N 97  
GLU CB  HB2  sing N N 98  
GLU CB  HB3  sing N N 99  
GLU CG  CD   sing N N 100 
GLU CG  HG2  sing N N 101 
GLU CG  HG3  sing N N 102 
GLU CD  OE1  doub N N 103 
GLU CD  OE2  sing N N 104 
GLU OE2 HE2  sing N N 105 
GLU OXT HXT  sing N N 106 
GLY N   CA   sing N N 107 
GLY N   H    sing N N 108 
GLY N   H2   sing N N 109 
GLY CA  C    sing N N 110 
GLY CA  HA2  sing N N 111 
GLY CA  HA3  sing N N 112 
GLY C   O    doub N N 113 
GLY C   OXT  sing N N 114 
GLY OXT HXT  sing N N 115 
HIS N   CA   sing N N 116 
HIS N   H    sing N N 117 
HIS N   H2   sing N N 118 
HIS CA  C    sing N N 119 
HIS CA  CB   sing N N 120 
HIS CA  HA   sing N N 121 
HIS C   O    doub N N 122 
HIS C   OXT  sing N N 123 
HIS CB  CG   sing N N 124 
HIS CB  HB2  sing N N 125 
HIS CB  HB3  sing N N 126 
HIS CG  ND1  sing Y N 127 
HIS CG  CD2  doub Y N 128 
HIS ND1 CE1  doub Y N 129 
HIS ND1 HD1  sing N N 130 
HIS CD2 NE2  sing Y N 131 
HIS CD2 HD2  sing N N 132 
HIS CE1 NE2  sing Y N 133 
HIS CE1 HE1  sing N N 134 
HIS NE2 HE2  sing N N 135 
HIS OXT HXT  sing N N 136 
HOH O   H1   sing N N 137 
HOH O   H2   sing N N 138 
ILE N   CA   sing N N 139 
ILE N   H    sing N N 140 
ILE N   H2   sing N N 141 
ILE CA  C    sing N N 142 
ILE CA  CB   sing N N 143 
ILE CA  HA   sing N N 144 
ILE C   O    doub N N 145 
ILE C   OXT  sing N N 146 
ILE CB  CG1  sing N N 147 
ILE CB  CG2  sing N N 148 
ILE CB  HB   sing N N 149 
ILE CG1 CD1  sing N N 150 
ILE CG1 HG12 sing N N 151 
ILE CG1 HG13 sing N N 152 
ILE CG2 HG21 sing N N 153 
ILE CG2 HG22 sing N N 154 
ILE CG2 HG23 sing N N 155 
ILE CD1 HD11 sing N N 156 
ILE CD1 HD12 sing N N 157 
ILE CD1 HD13 sing N N 158 
ILE OXT HXT  sing N N 159 
LEU N   CA   sing N N 160 
LEU N   H    sing N N 161 
LEU N   H2   sing N N 162 
LEU CA  C    sing N N 163 
LEU CA  CB   sing N N 164 
LEU CA  HA   sing N N 165 
LEU C   O    doub N N 166 
LEU C   OXT  sing N N 167 
LEU CB  CG   sing N N 168 
LEU CB  HB2  sing N N 169 
LEU CB  HB3  sing N N 170 
LEU CG  CD1  sing N N 171 
LEU CG  CD2  sing N N 172 
LEU CG  HG   sing N N 173 
LEU CD1 HD11 sing N N 174 
LEU CD1 HD12 sing N N 175 
LEU CD1 HD13 sing N N 176 
LEU CD2 HD21 sing N N 177 
LEU CD2 HD22 sing N N 178 
LEU CD2 HD23 sing N N 179 
LEU OXT HXT  sing N N 180 
LYS N   CA   sing N N 181 
LYS N   H    sing N N 182 
LYS N   H2   sing N N 183 
LYS CA  C    sing N N 184 
LYS CA  CB   sing N N 185 
LYS CA  HA   sing N N 186 
LYS C   O    doub N N 187 
LYS C   OXT  sing N N 188 
LYS CB  CG   sing N N 189 
LYS CB  HB2  sing N N 190 
LYS CB  HB3  sing N N 191 
LYS CG  CD   sing N N 192 
LYS CG  HG2  sing N N 193 
LYS CG  HG3  sing N N 194 
LYS CD  CE   sing N N 195 
LYS CD  HD2  sing N N 196 
LYS CD  HD3  sing N N 197 
LYS CE  NZ   sing N N 198 
LYS CE  HE2  sing N N 199 
LYS CE  HE3  sing N N 200 
LYS NZ  HZ1  sing N N 201 
LYS NZ  HZ2  sing N N 202 
LYS NZ  HZ3  sing N N 203 
LYS OXT HXT  sing N N 204 
MET N   CA   sing N N 205 
MET N   H    sing N N 206 
MET N   H2   sing N N 207 
MET CA  C    sing N N 208 
MET CA  CB   sing N N 209 
MET CA  HA   sing N N 210 
MET C   O    doub N N 211 
MET C   OXT  sing N N 212 
MET CB  CG   sing N N 213 
MET CB  HB2  sing N N 214 
MET CB  HB3  sing N N 215 
MET CG  SD   sing N N 216 
MET CG  HG2  sing N N 217 
MET CG  HG3  sing N N 218 
MET SD  CE   sing N N 219 
MET CE  HE1  sing N N 220 
MET CE  HE2  sing N N 221 
MET CE  HE3  sing N N 222 
MET OXT HXT  sing N N 223 
PHE N   CA   sing N N 224 
PHE N   H    sing N N 225 
PHE N   H2   sing N N 226 
PHE CA  C    sing N N 227 
PHE CA  CB   sing N N 228 
PHE CA  HA   sing N N 229 
PHE C   O    doub N N 230 
PHE C   OXT  sing N N 231 
PHE CB  CG   sing N N 232 
PHE CB  HB2  sing N N 233 
PHE CB  HB3  sing N N 234 
PHE CG  CD1  doub Y N 235 
PHE CG  CD2  sing Y N 236 
PHE CD1 CE1  sing Y N 237 
PHE CD1 HD1  sing N N 238 
PHE CD2 CE2  doub Y N 239 
PHE CD2 HD2  sing N N 240 
PHE CE1 CZ   doub Y N 241 
PHE CE1 HE1  sing N N 242 
PHE CE2 CZ   sing Y N 243 
PHE CE2 HE2  sing N N 244 
PHE CZ  HZ   sing N N 245 
PHE OXT HXT  sing N N 246 
PRO N   CA   sing N N 247 
PRO N   CD   sing N N 248 
PRO N   H    sing N N 249 
PRO CA  C    sing N N 250 
PRO CA  CB   sing N N 251 
PRO CA  HA   sing N N 252 
PRO C   O    doub N N 253 
PRO C   OXT  sing N N 254 
PRO CB  CG   sing N N 255 
PRO CB  HB2  sing N N 256 
PRO CB  HB3  sing N N 257 
PRO CG  CD   sing N N 258 
PRO CG  HG2  sing N N 259 
PRO CG  HG3  sing N N 260 
PRO CD  HD2  sing N N 261 
PRO CD  HD3  sing N N 262 
PRO OXT HXT  sing N N 263 
SER N   CA   sing N N 264 
SER N   H    sing N N 265 
SER N   H2   sing N N 266 
SER CA  C    sing N N 267 
SER CA  CB   sing N N 268 
SER CA  HA   sing N N 269 
SER C   O    doub N N 270 
SER C   OXT  sing N N 271 
SER CB  OG   sing N N 272 
SER CB  HB2  sing N N 273 
SER CB  HB3  sing N N 274 
SER OG  HG   sing N N 275 
SER OXT HXT  sing N N 276 
THR N   CA   sing N N 277 
THR N   H    sing N N 278 
THR N   H2   sing N N 279 
THR CA  C    sing N N 280 
THR CA  CB   sing N N 281 
THR CA  HA   sing N N 282 
THR C   O    doub N N 283 
THR C   OXT  sing N N 284 
THR CB  OG1  sing N N 285 
THR CB  CG2  sing N N 286 
THR CB  HB   sing N N 287 
THR OG1 HG1  sing N N 288 
THR CG2 HG21 sing N N 289 
THR CG2 HG22 sing N N 290 
THR CG2 HG23 sing N N 291 
THR OXT HXT  sing N N 292 
TRP N   CA   sing N N 293 
TRP N   H    sing N N 294 
TRP N   H2   sing N N 295 
TRP CA  C    sing N N 296 
TRP CA  CB   sing N N 297 
TRP CA  HA   sing N N 298 
TRP C   O    doub N N 299 
TRP C   OXT  sing N N 300 
TRP CB  CG   sing N N 301 
TRP CB  HB2  sing N N 302 
TRP CB  HB3  sing N N 303 
TRP CG  CD1  doub Y N 304 
TRP CG  CD2  sing Y N 305 
TRP CD1 NE1  sing Y N 306 
TRP CD1 HD1  sing N N 307 
TRP CD2 CE2  doub Y N 308 
TRP CD2 CE3  sing Y N 309 
TRP NE1 CE2  sing Y N 310 
TRP NE1 HE1  sing N N 311 
TRP CE2 CZ2  sing Y N 312 
TRP CE3 CZ3  doub Y N 313 
TRP CE3 HE3  sing N N 314 
TRP CZ2 CH2  doub Y N 315 
TRP CZ2 HZ2  sing N N 316 
TRP CZ3 CH2  sing Y N 317 
TRP CZ3 HZ3  sing N N 318 
TRP CH2 HH2  sing N N 319 
TRP OXT HXT  sing N N 320 
TYR N   CA   sing N N 321 
TYR N   H    sing N N 322 
TYR N   H2   sing N N 323 
TYR CA  C    sing N N 324 
TYR CA  CB   sing N N 325 
TYR CA  HA   sing N N 326 
TYR C   O    doub N N 327 
TYR C   OXT  sing N N 328 
TYR CB  CG   sing N N 329 
TYR CB  HB2  sing N N 330 
TYR CB  HB3  sing N N 331 
TYR CG  CD1  doub Y N 332 
TYR CG  CD2  sing Y N 333 
TYR CD1 CE1  sing Y N 334 
TYR CD1 HD1  sing N N 335 
TYR CD2 CE2  doub Y N 336 
TYR CD2 HD2  sing N N 337 
TYR CE1 CZ   doub Y N 338 
TYR CE1 HE1  sing N N 339 
TYR CE2 CZ   sing Y N 340 
TYR CE2 HE2  sing N N 341 
TYR CZ  OH   sing N N 342 
TYR OH  HH   sing N N 343 
TYR OXT HXT  sing N N 344 
VAL N   CA   sing N N 345 
VAL N   H    sing N N 346 
VAL N   H2   sing N N 347 
VAL CA  C    sing N N 348 
VAL CA  CB   sing N N 349 
VAL CA  HA   sing N N 350 
VAL C   O    doub N N 351 
VAL C   OXT  sing N N 352 
VAL CB  CG1  sing N N 353 
VAL CB  CG2  sing N N 354 
VAL CB  HB   sing N N 355 
VAL CG1 HG11 sing N N 356 
VAL CG1 HG12 sing N N 357 
VAL CG1 HG13 sing N N 358 
VAL CG2 HG21 sing N N 359 
VAL CG2 HG22 sing N N 360 
VAL CG2 HG23 sing N N 361 
VAL OXT HXT  sing N N 362 
# 
_pdbx_audit_support.funding_organization   'National Natural Science Foundation of China (NSFC)' 
_pdbx_audit_support.country                China 
_pdbx_audit_support.grant_number           CARS-25-03B 
_pdbx_audit_support.ordinal                1 
# 
_atom_sites.entry_id                    8JNT 
_atom_sites.Cartn_transf_matrix[1][1]   ? 
_atom_sites.Cartn_transf_matrix[1][2]   ? 
_atom_sites.Cartn_transf_matrix[1][3]   ? 
_atom_sites.Cartn_transf_matrix[2][1]   ? 
_atom_sites.Cartn_transf_matrix[2][2]   ? 
_atom_sites.Cartn_transf_matrix[2][3]   ? 
_atom_sites.Cartn_transf_matrix[3][1]   ? 
_atom_sites.Cartn_transf_matrix[3][2]   ? 
_atom_sites.Cartn_transf_matrix[3][3]   ? 
_atom_sites.Cartn_transf_vector[1]      ? 
_atom_sites.Cartn_transf_vector[2]      ? 
_atom_sites.Cartn_transf_vector[3]      ? 
_atom_sites.fract_transf_matrix[1][1]   0.00643167 
_atom_sites.fract_transf_matrix[1][2]   0.02184350 
_atom_sites.fract_transf_matrix[1][3]   -0.00451535 
_atom_sites.fract_transf_matrix[2][1]   0.02149969 
_atom_sites.fract_transf_matrix[2][2]   0.00444568 
_atom_sites.fract_transf_matrix[2][3]   -0.00754248 
_atom_sites.fract_transf_matrix[3][1]   -0.00506806 
_atom_sites.fract_transf_matrix[3][2]   -0.00170130 
_atom_sites.fract_transf_matrix[3][3]   -0.01544919 
_atom_sites.fract_transf_vector[1]      -0.480940 
_atom_sites.fract_transf_vector[2]      -0.405738 
_atom_sites.fract_transf_vector[3]      0.037493 
_atom_sites.solution_primary            ? 
_atom_sites.solution_secondary          ? 
_atom_sites.solution_hydrogens          ? 
_atom_sites.special_details             ? 
# 
loop_
_atom_type.symbol 
C  
N  
O  
S  
SE 
# 
loop_
_atom_site.group_PDB 
_atom_site.id 
_atom_site.type_symbol 
_atom_site.label_atom_id 
_atom_site.label_alt_id 
_atom_site.label_comp_id 
_atom_site.label_asym_id 
_atom_site.label_entity_id 
_atom_site.label_seq_id 
_atom_site.pdbx_PDB_ins_code 
_atom_site.Cartn_x 
_atom_site.Cartn_y 
_atom_site.Cartn_z 
_atom_site.occupancy 
_atom_site.B_iso_or_equiv 
_atom_site.pdbx_formal_charge 
_atom_site.auth_seq_id 
_atom_site.auth_comp_id 
_atom_site.auth_asym_id 
_atom_site.auth_atom_id 
_atom_site.pdbx_PDB_model_num 
ATOM   1   N N   . ARG A 1 1  ? 12.635  8.728   -0.024  1.00 59.77 ? 30  ARG A N   1 
ATOM   2   C CA  . ARG A 1 1  ? 11.243  8.309   -0.155  1.00 48.44 ? 30  ARG A CA  1 
ATOM   3   C C   . ARG A 1 1  ? 10.643  8.012   1.222   1.00 41.37 ? 30  ARG A C   1 
ATOM   4   O O   . ARG A 1 1  ? 10.447  6.852   1.578   1.00 40.51 ? 30  ARG A O   1 
ATOM   5   C CB  . ARG A 1 1  ? 11.154  7.076   -1.050  1.00 51.44 ? 30  ARG A CB  1 
ATOM   6   C CG  . ARG A 1 1  ? 9.799   6.877   -1.717  1.00 56.57 ? 30  ARG A CG  1 
ATOM   7   C CD  . ARG A 1 1  ? 8.960   8.155   -1.757  1.00 60.84 ? 30  ARG A CD  1 
ATOM   8   N NE  . ARG A 1 1  ? 7.896   8.062   -2.750  1.00 66.48 ? 30  ARG A NE  1 
ATOM   9   C CZ  . ARG A 1 1  ? 6.921   8.950   -2.907  1.00 65.33 ? 30  ARG A CZ  1 
ATOM   10  N NH1 . ARG A 1 1  ? 6.831   10.004  -2.113  1.00 60.88 ? 30  ARG A NH1 1 
ATOM   11  N NH2 . ARG A 1 1  ? 6.017   8.769   -3.854  1.00 64.00 ? 30  ARG A NH2 1 
ATOM   12  N N   . ALA A 1 2  ? 10.379  9.049   2.008   1.00 36.73 ? 31  ALA A N   1 
ATOM   13  C CA  . ALA A 1 2  ? 9.953   8.842   3.380   1.00 30.15 ? 31  ALA A CA  1 
ATOM   14  C C   . ALA A 1 2  ? 8.798   9.754   3.702   1.00 29.00 ? 31  ALA A C   1 
ATOM   15  O O   . ALA A 1 2  ? 8.480   10.636  2.931   1.00 37.97 ? 31  ALA A O   1 
ATOM   16  C CB  . ALA A 1 2  ? 11.091  9.090   4.312   1.00 30.05 ? 31  ALA A CB  1 
ATOM   17  N N   . LEU A 1 3  ? 8.169   9.554   4.845   1.00 27.78 ? 32  LEU A N   1 
ATOM   18  C CA  . LEU A 1 3  ? 7.057   10.407  5.240   1.00 30.51 ? 32  LEU A CA  1 
ATOM   19  C C   . LEU A 1 3  ? 7.413   11.210  6.465   1.00 31.84 ? 32  LEU A C   1 
ATOM   20  O O   . LEU A 1 3  ? 8.045   10.692  7.372   1.00 32.57 ? 32  LEU A O   1 
ATOM   21  C CB  . LEU A 1 3  ? 5.813   9.579   5.550   1.00 29.67 ? 32  LEU A CB  1 
ATOM   22  C CG  . LEU A 1 3  ? 5.013   8.954   4.420   1.00 25.12 ? 32  LEU A CG  1 
ATOM   23  C CD1 . LEU A 1 3  ? 3.997   8.005   5.020   1.00 20.20 ? 32  LEU A CD1 1 
ATOM   24  C CD2 . LEU A 1 3  ? 4.331   10.024  3.565   1.00 22.53 ? 32  LEU A CD2 1 
ATOM   25  N N   . ASP A 1 4  ? 6.983   12.458  6.523   1.00 35.26 ? 33  ASP A N   1 
ATOM   26  C CA  . ASP A 1 4  ? 7.210   13.240  7.731   1.00 40.22 ? 33  ASP A CA  1 
ATOM   27  C C   . ASP A 1 4  ? 6.455   12.669  8.943   1.00 38.92 ? 33  ASP A C   1 
ATOM   28  O O   . ASP A 1 4  ? 5.424   12.015  8.785   1.00 35.20 ? 33  ASP A O   1 
ATOM   29  C CB  . ASP A 1 4  ? 6.810   14.693  7.507   1.00 38.78 ? 33  ASP A CB  1 
ATOM   30  C CG  . ASP A 1 4  ? 6.781   15.470  8.786   1.00 48.61 ? 33  ASP A CG  1 
ATOM   31  O OD1 . ASP A 1 4  ? 7.873   15.808  9.302   1.00 49.90 ? 33  ASP A OD1 1 
ATOM   32  O OD2 . ASP A 1 4  ? 5.663   15.700  9.301   1.00 56.37 ? 33  ASP A OD2 1 
ATOM   33  N N   . ARG A 1 5  ? 6.983   12.929  10.142  1.00 41.49 ? 34  ARG A N   1 
ATOM   34  C CA  . ARG A 1 5  ? 6.437   12.398  11.395  1.00 40.90 ? 34  ARG A CA  1 
ATOM   35  C C   . ARG A 1 5  ? 4.949   12.674  11.582  1.00 34.71 ? 34  ARG A C   1 
ATOM   36  O O   . ARG A 1 5  ? 4.212   11.820  12.078  1.00 34.75 ? 34  ARG A O   1 
ATOM   37  C CB  . ARG A 1 5  ? 7.209   12.955  12.597  1.00 44.08 ? 34  ARG A CB  1 
ATOM   38  C CG  . ARG A 1 5  ? 7.130   12.046  13.816  1.00 52.16 ? 34  ARG A CG  1 
ATOM   39  C CD  . ARG A 1 5  ? 7.103   12.774  15.179  1.00 53.65 ? 34  ARG A CD  1 
ATOM   40  N NE  . ARG A 1 5  ? 7.457   11.842  16.258  1.00 54.02 ? 34  ARG A NE  1 
ATOM   41  C CZ  . ARG A 1 5  ? 8.091   12.179  17.380  1.00 64.34 ? 34  ARG A CZ  1 
ATOM   42  N NH1 . ARG A 1 5  ? 8.447   13.442  17.593  1.00 76.53 ? 34  ARG A NH1 1 
ATOM   43  N NH2 . ARG A 1 5  ? 8.376   11.249  18.291  1.00 58.55 ? 34  ARG A NH2 1 
ATOM   44  N N   . SER A 1 6  ? 4.497   13.851  11.175  1.00 32.64 ? 35  SER A N   1 
ATOM   45  C CA  . SER A 1 6  ? 3.101   14.183  11.383  1.00 34.08 ? 35  SER A CA  1 
ATOM   46  C C   . SER A 1 6  ? 2.216   13.329  10.483  1.00 35.05 ? 35  SER A C   1 
ATOM   47  O O   . SER A 1 6  ? 1.072   13.062  10.827  1.00 35.70 ? 35  SER A O   1 
ATOM   48  C CB  . SER A 1 6  ? 2.844   15.677  11.159  1.00 38.04 ? 35  SER A CB  1 
ATOM   49  O OG  . SER A 1 6  ? 3.209   16.076  9.851   1.00 48.76 ? 35  SER A OG  1 
ATOM   50  N N   . ILE A 1 7  ? 2.742   12.876  9.350   1.00 33.59 ? 36  ILE A N   1 
ATOM   51  C CA  . ILE A 1 7  ? 1.975   11.973  8.496   1.00 31.27 ? 36  ILE A CA  1 
ATOM   52  C C   . ILE A 1 7  ? 1.946   10.566  9.085   1.00 25.04 ? 36  ILE A C   1 
ATOM   53  O O   . ILE A 1 7  ? 0.903   9.919   9.135   1.00 24.92 ? 36  ILE A O   1 
ATOM   54  C CB  . ILE A 1 7  ? 2.545   11.893  7.061   1.00 32.47 ? 36  ILE A CB  1 
ATOM   55  C CG1 . ILE A 1 7  ? 2.873   13.283  6.520   1.00 30.73 ? 36  ILE A CG1 1 
ATOM   56  C CG2 . ILE A 1 7  ? 1.566   11.199  6.151   1.00 22.80 ? 36  ILE A CG2 1 
ATOM   57  C CD1 . ILE A 1 7  ? 1.653   14.074  6.190   1.00 36.47 ? 36  ILE A CD1 1 
ATOM   58  N N   . VAL A 1 8  ? 3.103   10.088  9.517   1.00 25.55 ? 37  VAL A N   1 
ATOM   59  C CA  . VAL A 1 8  ? 3.179   8.769   10.117  1.00 26.59 ? 37  VAL A CA  1 
ATOM   60  C C   . VAL A 1 8  ? 2.284   8.652   11.341  1.00 25.09 ? 37  VAL A C   1 
ATOM   61  O O   . VAL A 1 8  ? 1.689   7.613   11.563  1.00 23.64 ? 37  VAL A O   1 
ATOM   62  C CB  . VAL A 1 8  ? 4.614   8.415   10.525  1.00 26.17 ? 37  VAL A CB  1 
ATOM   63  C CG1 . VAL A 1 8  ? 4.705   6.952   10.895  1.00 19.62 ? 37  VAL A CG1 1 
ATOM   64  C CG2 . VAL A 1 8  ? 5.557   8.704   9.389   1.00 29.43 ? 37  VAL A CG2 1 
ATOM   65  N N   . LYS A 1 9  ? 2.191   9.719   12.132  1.00 29.05 ? 38  LYS A N   1 
ATOM   66  C CA  . LYS A 1 9  ? 1.423   9.679   13.378  1.00 25.98 ? 38  LYS A CA  1 
ATOM   67  C C   . LYS A 1 9  ? -0.042  9.439   13.104  1.00 26.97 ? 38  LYS A C   1 
ATOM   68  O O   . LYS A 1 9  ? -0.728  8.755   13.861  1.00 27.43 ? 38  LYS A O   1 
ATOM   69  C CB  . LYS A 1 9  ? 1.589   10.981  14.171  1.00 27.16 ? 38  LYS A CB  1 
ATOM   70  C CG  . LYS A 1 9  ? 2.870   11.061  15.002  1.00 28.16 ? 38  LYS A CG  1 
ATOM   71  C CD  . LYS A 1 9  ? 2.962   9.900   15.989  1.00 28.80 ? 38  LYS A CD  1 
ATOM   72  C CE  . LYS A 1 9  ? 4.042   10.106  17.042  1.00 34.11 ? 38  LYS A CE  1 
ATOM   73  N NZ  . LYS A 1 9  ? 4.114   8.882   17.891  1.00 32.55 ? 38  LYS A NZ  1 
ATOM   74  N N   . ASN A 1 10 ? -0.512  10.002  11.998  1.00 26.46 ? 39  ASN A N   1 
ATOM   75  C CA  . ASN A 1 10 ? -1.918  9.957   11.663  1.00 23.50 ? 39  ASN A CA  1 
ATOM   76  C C   . ASN A 1 10 ? -2.285  8.814   10.745  1.00 23.57 ? 39  ASN A C   1 
ATOM   77  O O   . ASN A 1 10 ? -3.410  8.726   10.275  1.00 26.10 ? 39  ASN A O   1 
ATOM   78  C CB  . ASN A 1 10 ? -2.333  11.280  11.038  1.00 28.56 ? 39  ASN A CB  1 
ATOM   79  C CG  . ASN A 1 10 ? -2.248  12.423  12.026  1.00 28.55 ? 39  ASN A CG  1 
ATOM   80  O OD1 . ASN A 1 10 ? -2.285  12.202  13.236  1.00 28.11 ? 39  ASN A OD1 1 
ATOM   81  N ND2 . ASN A 1 10 ? -2.138  13.645  11.523  1.00 28.73 ? 39  ASN A ND2 1 
ATOM   82  N N   . LEU A 1 11 ? -1.341  7.931   10.492  1.00 24.85 ? 40  LEU A N   1 
ATOM   83  C CA  . LEU A 1 11 ? -1.652  6.734   9.724   1.00 24.76 ? 40  LEU A CA  1 
ATOM   84  C C   . LEU A 1 11 ? -2.524  5.781   10.536  1.00 22.65 ? 40  LEU A C   1 
ATOM   85  O O   . LEU A 1 11 ? -2.369  5.687   11.760  1.00 25.79 ? 40  LEU A O   1 
ATOM   86  C CB  . LEU A 1 11 ? -0.368  6.017   9.291   1.00 20.45 ? 40  LEU A CB  1 
ATOM   87  C CG  . LEU A 1 11 ? 0.508   6.713   8.268   1.00 19.87 ? 40  LEU A CG  1 
ATOM   88  C CD1 . LEU A 1 11 ? 1.715   5.874   7.998   1.00 19.03 ? 40  LEU A CD1 1 
ATOM   89  C CD2 . LEU A 1 11 ? -0.267  6.909   6.989   1.00 21.92 ? 40  LEU A CD2 1 
ATOM   90  N N   . PRO A 1 12 ? -3.464  5.094   9.859   1.00 20.62 ? 41  PRO A N   1 
ATOM   91  C CA  . PRO A 1 12 ? -4.107  3.941   10.482  1.00 19.48 ? 41  PRO A CA  1 
ATOM   92  C C   . PRO A 1 12 ? -3.030  2.978   10.984  1.00 24.51 ? 41  PRO A C   1 
ATOM   93  O O   . PRO A 1 12 ? -2.001  2.834   10.319  1.00 24.51 ? 41  PRO A O   1 
ATOM   94  C CB  . PRO A 1 12 ? -4.917  3.328   9.343   1.00 22.73 ? 41  PRO A CB  1 
ATOM   95  C CG  . PRO A 1 12 ? -5.155  4.429   8.397   1.00 20.56 ? 41  PRO A CG  1 
ATOM   96  C CD  . PRO A 1 12 ? -3.996  5.368   8.511   1.00 20.23 ? 41  PRO A CD  1 
ATOM   97  N N   . GLU A 1 13 ? -3.252  2.355   12.135  1.00 22.71 ? 42  GLU A N   1 
ATOM   98  C CA  . GLU A 1 13 ? -2.260  1.496   12.767  1.00 22.64 ? 42  GLU A CA  1 
ATOM   99  C C   . GLU A 1 13 ? -1.636  0.463   11.810  1.00 22.87 ? 42  GLU A C   1 
ATOM   100 O O   . GLU A 1 13 ? -0.440  0.232   11.865  1.00 21.69 ? 42  GLU A O   1 
ATOM   101 C CB  . GLU A 1 13 ? -2.895  0.777   13.966  1.00 24.77 ? 42  GLU A CB  1 
ATOM   102 C CG  . GLU A 1 13 ? -1.928  0.469   15.111  1.00 31.27 ? 42  GLU A CG  1 
ATOM   103 C CD  . GLU A 1 13 ? -1.415  1.736   15.806  1.00 40.18 ? 42  GLU A CD  1 
ATOM   104 O OE1 . GLU A 1 13 ? -1.986  2.840   15.587  1.00 41.52 ? 42  GLU A OE1 1 
ATOM   105 O OE2 . GLU A 1 13 ? -0.425  1.628   16.565  1.00 44.26 ? 42  GLU A OE2 1 
ATOM   106 N N   . GLN A 1 14 ? -2.436  -0.153  10.937  1.00 23.37 ? 43  GLN A N   1 
ATOM   107 C CA  . GLN A 1 14 ? -1.899  -1.141  10.000  1.00 22.26 ? 43  GLN A CA  1 
ATOM   108 C C   . GLN A 1 14 ? -0.857  -0.473  9.102   1.00 22.37 ? 43  GLN A C   1 
ATOM   109 O O   . GLN A 1 14 ? 0.191   -1.050  8.789   1.00 20.72 ? 43  GLN A O   1 
ATOM   110 C CB  . GLN A 1 14 ? -3.005  -1.782  9.140   1.00 21.30 ? 43  GLN A CB  1 
ATOM   111 C CG  . GLN A 1 14 ? -2.473  -2.964  8.294   1.00 25.25 ? 43  GLN A CG  1 
ATOM   112 C CD  . GLN A 1 14 ? -3.450  -3.559  7.263   1.00 25.48 ? 43  GLN A CD  1 
ATOM   113 O OE1 . GLN A 1 14 ? -3.685  -2.994  6.197   1.00 29.28 ? 43  GLN A OE1 1 
ATOM   114 N NE2 . GLN A 1 14 ? -3.963  -4.737  7.558   1.00 25.43 ? 43  GLN A NE2 1 
ATOM   115 N N   . PHE A 1 15 ? -1.140  0.764   8.714   1.00 19.96 ? 44  PHE A N   1 
ATOM   116 C CA  . PHE A 1 15 ? -0.267  1.480   7.798   1.00 19.73 ? 44  PHE A CA  1 
ATOM   117 C C   . PHE A 1 15 ? 0.927   2.123   8.496   1.00 22.16 ? 44  PHE A C   1 
ATOM   118 O O   . PHE A 1 15 ? 1.978   2.289   7.883   1.00 21.54 ? 44  PHE A O   1 
ATOM   119 C CB  . PHE A 1 15 ? -1.080  2.516   7.021   1.00 19.35 ? 44  PHE A CB  1 
ATOM   120 C CG  . PHE A 1 15 ? -1.929  1.898   5.926   1.00 22.14 ? 44  PHE A CG  1 
ATOM   121 C CD1 . PHE A 1 15 ? -3.137  1.286   6.224   1.00 19.47 ? 44  PHE A CD1 1 
ATOM   122 C CD2 . PHE A 1 15 ? -1.492  1.892   4.605   1.00 20.74 ? 44  PHE A CD2 1 
ATOM   123 C CE1 . PHE A 1 15 ? -3.896  0.683   5.223   1.00 21.89 ? 44  PHE A CE1 1 
ATOM   124 C CE2 . PHE A 1 15 ? -2.256  1.304   3.605   1.00 22.32 ? 44  PHE A CE2 1 
ATOM   125 C CZ  . PHE A 1 15 ? -3.462  0.699   3.918   1.00 20.67 ? 44  PHE A CZ  1 
ATOM   126 N N   . LYS A 1 16 ? 0.769   2.469   9.775   1.00 22.91 ? 45  LYS A N   1 
ATOM   127 C CA  . LYS A 1 16 ? 1.890   2.874   10.618  1.00 21.64 ? 45  LYS A CA  1 
ATOM   128 C C   . LYS A 1 16 ? 2.929   1.747   10.636  1.00 23.15 ? 45  LYS A C   1 
ATOM   129 O O   . LYS A 1 16 ? 4.139   1.973   10.500  1.00 21.42 ? 45  LYS A O   1 
ATOM   130 C CB  . LYS A 1 16 ? 1.405   3.196   12.037  1.00 20.97 ? 45  LYS A CB  1 
ATOM   131 C CG  . LYS A 1 16 ? 2.190   4.259   12.776  1.00 27.19 ? 45  LYS A CG  1 
ATOM   132 C CD  . LYS A 1 16 ? 1.529   4.639   14.112  1.00 30.56 ? 45  LYS A CD  1 
ATOM   133 C CE  . LYS A 1 16 ? 0.385   5.636   13.902  1.00 34.94 ? 45  LYS A CE  1 
ATOM   134 N NZ  . LYS A 1 16 ? -0.421  5.892   15.137  1.00 42.49 ? 45  LYS A NZ  1 
ATOM   135 N N   . ASN A 1 17 ? 2.439   0.519   10.785  1.00 22.77 ? 46  ASN A N   1 
ATOM   136 C CA  . ASN A 1 17 ? 3.323   -0.632  10.885  1.00 20.57 ? 46  ASN A CA  1 
ATOM   137 C C   . ASN A 1 17 ? 3.934   -0.991  9.533   1.00 19.59 ? 46  ASN A C   1 
ATOM   138 O O   . ASN A 1 17 ? 5.111   -1.332  9.447   1.00 19.39 ? 46  ASN A O   1 
ATOM   139 C CB  . ASN A 1 17 ? 2.568   -1.813  11.481  1.00 20.91 ? 46  ASN A CB  1 
ATOM   140 C CG  . ASN A 1 17 ? 2.320   -1.650  12.972  1.00 19.70 ? 46  ASN A CG  1 
ATOM   141 O OD1 . ASN A 1 17 ? 3.115   -1.028  13.684  1.00 18.18 ? 46  ASN A OD1 1 
ATOM   142 N ND2 . ASN A 1 17 ? 1.217   -2.212  13.449  1.00 17.76 ? 46  ASN A ND2 1 
ATOM   143 N N   . MET A 1 18 ? 3.132   -0.892  8.476   1.00 19.74 ? 47  MET A N   1 
ATOM   144 C CA  . MET A 1 18 ? 3.657   -1.040  7.126   1.00 18.51 ? 47  MET A CA  1 
ATOM   145 C C   . MET A 1 18 ? 4.785   -0.053  6.874   1.00 19.13 ? 47  MET A C   1 
ATOM   146 O O   . MET A 1 18 ? 5.814   -0.420  6.325   1.00 20.04 ? 47  MET A O   1 
ATOM   147 C CB  . MET A 1 18 ? 2.561   -0.837  6.100   1.00 18.10 ? 47  MET A CB  1 
ATOM   148 C CG  . MET A 1 18 ? 1.476   -1.885  6.127   1.00 17.81 ? 47  MET A CG  1 
ATOM   149 S SD  . MET A 1 18 ? 0.309   -1.557  4.814   1.00 24.42 ? 47  MET A SD  1 
ATOM   150 C CE  . MET A 1 18 ? -1.138  -1.356  5.721   1.00 25.29 ? 47  MET A CE  1 
ATOM   151 N N   . TYR A 1 19 ? 4.614   1.192   7.308   1.00 19.32 ? 48  TYR A N   1 
ATOM   152 C CA  . TYR A 1 19 ? 5.650   2.195   7.115   1.00 18.10 ? 48  TYR A CA  1 
ATOM   153 C C   . TYR A 1 19 ? 6.954   1.801   7.816   1.00 19.63 ? 48  TYR A C   1 
ATOM   154 O O   . TYR A 1 19 ? 8.021   1.849   7.214   1.00 19.67 ? 48  TYR A O   1 
ATOM   155 C CB  . TYR A 1 19 ? 5.192   3.568   7.612   1.00 19.38 ? 48  TYR A CB  1 
ATOM   156 C CG  . TYR A 1 19 ? 6.218   4.628   7.312   1.00 19.07 ? 48  TYR A CG  1 
ATOM   157 C CD1 . TYR A 1 19 ? 6.292   5.193   6.064   1.00 22.25 ? 48  TYR A CD1 1 
ATOM   158 C CD2 . TYR A 1 19 ? 7.132   5.039   8.264   1.00 22.89 ? 48  TYR A CD2 1 
ATOM   159 C CE1 . TYR A 1 19 ? 7.242   6.147   5.763   1.00 25.46 ? 48  TYR A CE1 1 
ATOM   160 C CE2 . TYR A 1 19 ? 8.101   5.994   7.967   1.00 23.74 ? 48  TYR A CE2 1 
ATOM   161 C CZ  . TYR A 1 19 ? 8.144   6.539   6.711   1.00 24.29 ? 48  TYR A CZ  1 
ATOM   162 O OH  . TYR A 1 19 ? 9.075   7.490   6.383   1.00 28.27 ? 48  TYR A OH  1 
ATOM   163 N N   . LYS A 1 20 ? 6.855   1.400   9.077   1.00 18.99 ? 49  LYS A N   1 
ATOM   164 C CA  . LYS A 1 20 ? 8.030   1.156   9.913   1.00 19.86 ? 49  LYS A CA  1 
ATOM   165 C C   . LYS A 1 20 ? 8.728   -0.174  9.629   1.00 20.65 ? 49  LYS A C   1 
ATOM   166 O O   . LYS A 1 20 ? 9.938   -0.302  9.819   1.00 22.52 ? 49  LYS A O   1 
ATOM   167 C CB  . LYS A 1 20 ? 7.638   1.199   11.401  1.00 21.19 ? 49  LYS A CB  1 
ATOM   168 C CG  . LYS A 1 20 ? 7.248   2.570   11.927  1.00 25.32 ? 49  LYS A CG  1 
ATOM   169 C CD  . LYS A 1 20 ? 6.431   2.482   13.220  1.00 26.92 ? 49  LYS A CD  1 
ATOM   170 C CE  . LYS A 1 20 ? 7.231   1.906   14.379  1.00 33.29 ? 49  LYS A CE  1 
ATOM   171 N NZ  . LYS A 1 20 ? 6.332   1.344   15.443  1.00 38.00 ? 49  LYS A NZ  1 
ATOM   172 N N   . TYR A 1 21 ? 7.955   -1.169  9.210   1.00 20.98 ? 50  TYR A N   1 
ATOM   173 C CA  . TYR A 1 21 ? 8.469   -2.523  9.100   1.00 20.33 ? 50  TYR A CA  1 
ATOM   174 C C   . TYR A 1 21 ? 8.252   -3.055  7.683   1.00 19.39 ? 50  TYR A C   1 
ATOM   175 O O   . TYR A 1 21 ? 7.150   -3.429  7.297   1.00 17.85 ? 50  TYR A O   1 
ATOM   176 C CB  . TYR A 1 21 ? 7.820   -3.420  10.163  1.00 21.40 ? 50  TYR A CB  1 
ATOM   177 C CG  . TYR A 1 21 ? 7.891   -2.818  11.561  1.00 19.29 ? 50  TYR A CG  1 
ATOM   178 C CD1 . TYR A 1 21 ? 9.107   -2.642  12.183  1.00 25.30 ? 50  TYR A CD1 1 
ATOM   179 C CD2 . TYR A 1 21 ? 6.750   -2.412  12.236  1.00 18.66 ? 50  TYR A CD2 1 
ATOM   180 C CE1 . TYR A 1 21 ? 9.203   -2.085  13.456  1.00 25.37 ? 50  TYR A CE1 1 
ATOM   181 C CE2 . TYR A 1 21 ? 6.825   -1.849  13.490  1.00 22.43 ? 50  TYR A CE2 1 
ATOM   182 C CZ  . TYR A 1 21 ? 8.064   -1.689  14.104  1.00 25.23 ? 50  TYR A CZ  1 
ATOM   183 O OH  . TYR A 1 21 ? 8.188   -1.131  15.362  1.00 29.02 ? 50  TYR A OH  1 
ATOM   184 N N   . PRO A 1 22 ? 9.324   -3.052  6.894   1.00 20.67 ? 51  PRO A N   1 
ATOM   185 C CA  . PRO A 1 22 ? 9.303   -3.457  5.493   1.00 18.66 ? 51  PRO A CA  1 
ATOM   186 C C   . PRO A 1 22 ? 8.686   -4.838  5.279   1.00 21.89 ? 51  PRO A C   1 
ATOM   187 O O   . PRO A 1 22 ? 8.063   -5.081  4.244   1.00 23.66 ? 51  PRO A O   1 
ATOM   188 C CB  . PRO A 1 22 ? 10.778  -3.444  5.123   1.00 20.82 ? 51  PRO A CB  1 
ATOM   189 C CG  . PRO A 1 22 ? 11.354  -2.363  5.994   1.00 21.31 ? 51  PRO A CG  1 
ATOM   190 C CD  . PRO A 1 22 ? 10.640  -2.520  7.298   1.00 19.28 ? 51  PRO A CD  1 
ATOM   191 N N   . SER A 1 23 ? 8.850   -5.727  6.245   1.00 20.09 ? 52  SER A N   1 
ATOM   192 C CA  . SER A 1 23 ? 8.210   -7.033  6.189   1.00 17.63 ? 52  SER A CA  1 
ATOM   193 C C   . SER A 1 23 ? 6.705   -6.954  6.316   1.00 18.39 ? 52  SER A C   1 
ATOM   194 O O   . SER A 1 23 ? 5.990   -7.733  5.719   1.00 20.48 ? 52  SER A O   1 
ATOM   195 C CB  . SER A 1 23 ? 8.740   -7.922  7.298   1.00 20.94 ? 52  SER A CB  1 
ATOM   196 O OG  . SER A 1 23 ? 10.014  -8.410  6.954   1.00 27.26 ? 52  SER A OG  1 
ATOM   197 N N   . LYS A 1 24 ? 6.219   -6.035  7.132   1.00 18.08 ? 53  LYS A N   1 
ATOM   198 C CA  . LYS A 1 24 ? 4.792   -5.846  7.240   1.00 16.03 ? 53  LYS A CA  1 
ATOM   199 C C   . LYS A 1 24 ? 4.228   -5.242  5.934   1.00 18.56 ? 53  LYS A C   1 
ATOM   200 O O   . LYS A 1 24 ? 3.135   -5.583  5.506   1.00 18.00 ? 53  LYS A O   1 
ATOM   201 C CB  . LYS A 1 24 ? 4.483   -4.964  8.446   1.00 17.96 ? 53  LYS A CB  1 
ATOM   202 C CG  . LYS A 1 24 ? 3.027   -4.598  8.623   1.00 17.29 ? 53  LYS A CG  1 
ATOM   203 C CD  . LYS A 1 24 ? 2.157   -5.809  8.894   1.00 20.14 ? 53  LYS A CD  1 
ATOM   204 C CE  . LYS A 1 24 ? 0.715   -5.364  9.140   1.00 21.23 ? 53  LYS A CE  1 
ATOM   205 N NZ  . LYS A 1 24 ? -0.217  -6.507  9.350   1.00 24.81 ? 53  LYS A NZ  1 
ATOM   206 N N   . MET A 1 25 ? 4.977   -4.338  5.310   1.00 19.04 ? 54  MET A N   1 
ATOM   207 C CA  . MET A 1 25 ? 4.620   -3.809  4.004   1.00 18.00 ? 54  MET A CA  1 
ATOM   208 C C   . MET A 1 25 ? 4.478   -4.909  2.999   1.00 18.41 ? 54  MET A C   1 
ATOM   209 O O   . MET A 1 25 ? 3.468   -5.010  2.325   1.00 22.36 ? 54  MET A O   1 
ATOM   210 C CB  . MET A 1 25 ? 5.668   -2.827  3.498   1.00 20.95 ? 54  MET A CB  1 
ATOM   211 C CG  . MET A 1 25 ? 5.269   -1.389  3.676   1.00 33.79 ? 54  MET A CG  1 
ATOM   212 S SD  . MET A 1 25 ? 4.377   -0.705  2.299   1.00 20.38 ? 54  MET A SD  1 
ATOM   213 C CE  . MET A 1 25 ? 5.525   -1.396  1.148   1.00 35.75 ? 54  MET A CE  1 
ATOM   214 N N   . ASP A 1 26 ? 5.511   -5.728  2.886   1.00 19.91 ? 55  ASP A N   1 
ATOM   215 C CA  . ASP A 1 26 ? 5.488   -6.850  1.960   1.00 19.44 ? 55  ASP A CA  1 
ATOM   216 C C   . ASP A 1 26 ? 4.282   -7.752  2.177   1.00 19.44 ? 55  ASP A C   1 
ATOM   217 O O   . ASP A 1 26 ? 3.615   -8.121  1.225   1.00 21.60 ? 55  ASP A O   1 
ATOM   218 C CB  . ASP A 1 26 ? 6.772   -7.669  2.085   1.00 22.21 ? 55  ASP A CB  1 
ATOM   219 C CG  . ASP A 1 26 ? 7.985   -6.968  1.483   1.00 28.24 ? 55  ASP A CG  1 
ATOM   220 O OD1 . ASP A 1 26 ? 7.902   -5.771  1.141   1.00 28.82 ? 55  ASP A OD1 1 
ATOM   221 O OD2 . ASP A 1 26 ? 9.042   -7.622  1.361   1.00 37.25 ? 55  ASP A OD2 1 
ATOM   222 N N   . ASN A 1 27 ? 4.015   -8.124  3.424   1.00 18.46 ? 56  ASN A N   1 
ATOM   223 C CA  . ASN A 1 27 ? 2.860   -8.940  3.751   1.00 16.85 ? 56  ASN A CA  1 
ATOM   224 C C   . ASN A 1 27 ? 1.581   -8.361  3.182   1.00 18.87 ? 56  ASN A C   1 
ATOM   225 O O   . ASN A 1 27 ? 0.813   -9.049  2.520   1.00 20.30 ? 56  ASN A O   1 
ATOM   226 C CB  . ASN A 1 27 ? 2.707   -9.081  5.263   1.00 17.71 ? 56  ASN A CB  1 
ATOM   227 C CG  . ASN A 1 27 ? 3.679   -10.064 5.859   1.00 22.63 ? 56  ASN A CG  1 
ATOM   228 O OD1 . ASN A 1 27 ? 4.493   -10.656 5.151   1.00 25.63 ? 56  ASN A OD1 1 
ATOM   229 N ND2 . ASN A 1 27 ? 3.603   -10.250 7.173   1.00 20.96 ? 56  ASN A ND2 1 
ATOM   230 N N   . VAL A 1 28 ? 1.359   -7.083  3.440   1.00 18.65 ? 57  VAL A N   1 
ATOM   231 C CA  . VAL A 1 28 ? 0.101   -6.460  3.095   1.00 15.80 ? 57  VAL A CA  1 
ATOM   232 C C   . VAL A 1 28 ? 0.001   -6.258  1.591   1.00 21.49 ? 57  VAL A C   1 
ATOM   233 O O   . VAL A 1 28 ? -1.029  -6.573  0.998   1.00 21.42 ? 57  VAL A O   1 
ATOM   234 C CB  . VAL A 1 28 ? -0.065  -5.128  3.825   1.00 16.05 ? 57  VAL A CB  1 
ATOM   235 C CG1 . VAL A 1 28 ? -1.237  -4.359  3.277   1.00 17.38 ? 57  VAL A CG1 1 
ATOM   236 C CG2 . VAL A 1 28 ? -0.238  -5.370  5.337   1.00 17.71 ? 57  VAL A CG2 1 
ATOM   237 N N   . LEU A 1 29 ? 1.074   -5.754  0.978   1.00 19.84 ? 58  LEU A N   1 
ATOM   238 C CA  . LEU A 1 29 ? 1.112   -5.529  -0.463  1.00 18.65 ? 58  LEU A CA  1 
ATOM   239 C C   . LEU A 1 29 ? 0.964   -6.841  -1.225  1.00 21.81 ? 58  LEU A C   1 
ATOM   240 O O   . LEU A 1 29 ? 0.377   -6.889  -2.310  1.00 20.68 ? 58  LEU A O   1 
ATOM   241 C CB  . LEU A 1 29 ? 2.411   -4.845  -0.873  1.00 18.17 ? 58  LEU A CB  1 
ATOM   242 C CG  . LEU A 1 29 ? 2.658   -3.411  -0.410  1.00 19.19 ? 58  LEU A CG  1 
ATOM   243 C CD1 . LEU A 1 29 ? 3.642   -2.749  -1.351  1.00 19.84 ? 58  LEU A CD1 1 
ATOM   244 C CD2 . LEU A 1 29 ? 1.382   -2.603  -0.323  1.00 15.64 ? 58  LEU A CD2 1 
ATOM   245 N N   . GLU A 1 30 ? 1.496   -7.911  -0.648  1.00 20.65 ? 59  GLU A N   1 
ATOM   246 C CA  . GLU A 1 30 ? 1.371   -9.218  -1.261  1.00 21.15 ? 59  GLU A CA  1 
ATOM   247 C C   . GLU A 1 30 ? -0.085  -9.706  -1.202  1.00 23.69 ? 59  GLU A C   1 
ATOM   248 O O   . GLU A 1 30 ? -0.559  -10.367 -2.128  1.00 23.97 ? 59  GLU A O   1 
ATOM   249 C CB  . GLU A 1 30 ? 2.336   -10.206 -0.592  1.00 19.38 ? 59  GLU A CB  1 
ATOM   250 C CG  . GLU A 1 30 ? 2.415   -11.554 -1.237  1.00 22.95 ? 59  GLU A CG  1 
ATOM   251 C CD  . GLU A 1 30 ? 3.022   -11.537 -2.638  1.00 25.91 ? 59  GLU A CD  1 
ATOM   252 O OE1 . GLU A 1 30 ? 3.292   -10.456 -3.204  1.00 23.74 ? 59  GLU A OE1 1 
ATOM   253 O OE2 . GLU A 1 30 ? 3.219   -12.641 -3.181  1.00 32.61 ? 59  GLU A OE2 1 
ATOM   254 N N   . SER A 1 31 ? -0.810  -9.368  -0.138  1.00 21.87 ? 60  SER A N   1 
ATOM   255 C CA  . SER A 1 31 ? -2.223  -9.743  -0.074  1.00 20.15 ? 60  SER A CA  1 
ATOM   256 C C   . SER A 1 31 ? -3.069  -8.932  -1.048  1.00 19.42 ? 60  SER A C   1 
ATOM   257 O O   . SER A 1 31 ? -4.047  -9.446  -1.563  1.00 22.51 ? 60  SER A O   1 
ATOM   258 C CB  . SER A 1 31 ? -2.783  -9.591  1.344   1.00 21.78 ? 60  SER A CB  1 
ATOM   259 O OG  . SER A 1 31 ? -2.794  -8.243  1.757   1.00 25.28 ? 60  SER A OG  1 
ATOM   260 N N   . TRP A 1 32 ? -2.705  -7.676  -1.296  1.00 19.40 ? 61  TRP A N   1 
ATOM   261 C CA  . TRP A 1 32 ? -3.362  -6.872  -2.333  1.00 18.85 ? 61  TRP A CA  1 
ATOM   262 C C   . TRP A 1 32 ? -3.128  -7.485  -3.709  1.00 19.69 ? 61  TRP A C   1 
ATOM   263 O O   . TRP A 1 32 ? -4.037  -7.614  -4.533  1.00 21.30 ? 61  TRP A O   1 
ATOM   264 C CB  . TRP A 1 32 ? -2.841  -5.432  -2.339  1.00 17.78 ? 61  TRP A CB  1 
ATOM   265 C CG  . TRP A 1 32 ? -3.146  -4.622  -1.122  1.00 18.13 ? 61  TRP A CG  1 
ATOM   266 C CD1 . TRP A 1 32 ? -3.879  -5.005  -0.039  1.00 18.86 ? 61  TRP A CD1 1 
ATOM   267 C CD2 . TRP A 1 32 ? -2.720  -3.273  -0.860  1.00 17.77 ? 61  TRP A CD2 1 
ATOM   268 N NE1 . TRP A 1 32 ? -3.938  -3.979  0.877   1.00 18.74 ? 61  TRP A NE1 1 
ATOM   269 C CE2 . TRP A 1 32 ? -3.231  -2.910  0.394   1.00 18.79 ? 61  TRP A CE2 1 
ATOM   270 C CE3 . TRP A 1 32 ? -1.952  -2.346  -1.564  1.00 17.74 ? 61  TRP A CE3 1 
ATOM   271 C CZ2 . TRP A 1 32 ? -2.989  -1.659  0.963   1.00 21.34 ? 61  TRP A CZ2 1 
ATOM   272 C CZ3 . TRP A 1 32 ? -1.720  -1.114  -1.002  1.00 16.60 ? 61  TRP A CZ3 1 
ATOM   273 C CH2 . TRP A 1 32 ? -2.237  -0.779  0.247   1.00 18.26 ? 61  TRP A CH2 1 
ATOM   274 N N   . ARG A 1 33 ? -1.873  -7.838  -3.940  1.00 20.38 ? 62  ARG A N   1 
ATOM   275 C CA  . ARG A 1 33 ? -1.411  -8.402  -5.199  1.00 21.04 ? 62  ARG A CA  1 
ATOM   276 C C   . ARG A 1 33 ? -2.151  -9.690  -5.529  1.00 20.93 ? 62  ARG A C   1 
ATOM   277 O O   . ARG A 1 33 ? -2.740  -9.815  -6.597  1.00 23.46 ? 62  ARG A O   1 
ATOM   278 C CB  . ARG A 1 33 ? 0.105   -8.639  -5.122  1.00 22.11 ? 62  ARG A CB  1 
ATOM   279 C CG  . ARG A 1 33 ? 0.784   -9.121  -6.376  1.00 19.18 ? 62  ARG A CG  1 
ATOM   280 C CD  . ARG A 1 33 ? 2.179   -9.697  -6.048  1.00 22.05 ? 62  ARG A CD  1 
ATOM   281 N NE  . ARG A 1 33 ? 2.633   -10.575 -7.122  1.00 31.77 ? 62  ARG A NE  1 
ATOM   282 C CZ  . ARG A 1 33 ? 3.007   -11.843 -6.984  1.00 27.84 ? 62  ARG A CZ  1 
ATOM   283 N NH1 . ARG A 1 33 ? 3.015   -12.424 -5.795  1.00 24.42 ? 62  ARG A NH1 1 
ATOM   284 N NH2 . ARG A 1 33 ? 3.398   -12.529 -8.058  1.00 35.58 ? 62  ARG A NH2 1 
ATOM   285 N N   . THR A 1 34 ? -2.135  -10.646 -4.608  1.00 22.33 ? 63  THR A N   1 
ATOM   286 C CA  . THR A 1 34 ? -2.869  -11.894 -4.807  1.00 22.63 ? 63  THR A CA  1 
ATOM   287 C C   . THR A 1 34 ? -4.376  -11.674 -4.671  1.00 22.75 ? 63  THR A C   1 
ATOM   288 O O   . THR A 1 34 ? -5.176  -12.516 -5.048  1.00 21.85 ? 63  THR A O   1 
ATOM   289 C CB  . THR A 1 34 ? -2.421  -12.953 -3.824  1.00 22.66 ? 63  THR A CB  1 
ATOM   290 O OG1 . THR A 1 34 ? -2.666  -12.477 -2.502  1.00 25.25 ? 63  THR A OG1 1 
ATOM   291 C CG2 . THR A 1 34 ? -0.931  -13.224 -3.982  1.00 22.79 ? 63  THR A CG2 1 
ATOM   292 N N   . GLY A 1 35 ? -4.763  -10.525 -4.142  1.00 23.43 ? 64  GLY A N   1 
ATOM   293 C CA  . GLY A 1 35 ? -6.159  -10.135 -4.165  1.00 23.54 ? 64  GLY A CA  1 
ATOM   294 C C   . GLY A 1 35 ? -6.534  -9.589  -5.529  1.00 25.75 ? 64  GLY A C   1 
ATOM   295 O O   . GLY A 1 35 ? -7.673  -9.190  -5.755  1.00 26.22 ? 64  GLY A O   1 
ATOM   296 N N   . LEU A 1 36 ? -5.559  -9.554  -6.430  1.00 23.88 ? 65  LEU A N   1 
ATOM   297 C CA  . LEU A 1 36 ? -5.762  -9.056  -7.783  1.00 25.11 ? 65  LEU A CA  1 
ATOM   298 C C   . LEU A 1 36 ? -6.191  -7.588  -7.797  1.00 26.51 ? 65  LEU A C   1 
ATOM   299 O O   . LEU A 1 36 ? -7.004  -7.156  -8.614  1.00 30.05 ? 65  LEU A O   1 
ATOM   300 C CB  . LEU A 1 36 ? -6.781  -9.919  -8.512  1.00 26.07 ? 65  LEU A CB  1 
ATOM   301 C CG  . LEU A 1 36 ? -6.362  -11.385 -8.591  1.00 25.47 ? 65  LEU A CG  1 
ATOM   302 C CD1 . LEU A 1 36 ? -7.180  -12.065 -9.662  1.00 30.85 ? 65  LEU A CD1 1 
ATOM   303 C CD2 . LEU A 1 36 ? -4.876  -11.545 -8.876  1.00 23.59 ? 65  LEU A CD2 1 
ATOM   304 N N   . GLN A 1 37 ? -5.607  -6.820  -6.898  1.00 23.68 ? 66  GLN A N   1 
ATOM   305 C CA  . GLN A 1 37 ? -5.896  -5.415  -6.811  1.00 23.59 ? 66  GLN A CA  1 
ATOM   306 C C   . GLN A 1 37 ? -4.973  -4.662  -7.730  1.00 23.37 ? 66  GLN A C   1 
ATOM   307 O O   . GLN A 1 37 ? -3.763  -4.698  -7.555  1.00 23.80 ? 66  GLN A O   1 
ATOM   308 C CB  . GLN A 1 37 ? -5.718  -4.928  -5.379  1.00 24.22 ? 66  GLN A CB  1 
ATOM   309 C CG  . GLN A 1 37 ? -6.578  -5.645  -4.377  1.00 22.96 ? 66  GLN A CG  1 
ATOM   310 C CD  . GLN A 1 37 ? -8.039  -5.403  -4.618  1.00 30.49 ? 66  GLN A CD  1 
ATOM   311 O OE1 . GLN A 1 37 ? -8.469  -4.261  -4.713  1.00 34.98 ? 66  GLN A OE1 1 
ATOM   312 N NE2 . GLN A 1 37 ? -8.823  -6.478  -4.697  1.00 36.54 ? 66  GLN A NE2 1 
ATOM   313 N N   . SER A 1 38 ? -5.530  -3.975  -8.711  1.00 24.73 ? 67  SER A N   1 
ATOM   314 C CA  . SER A 1 38 ? -4.737  -3.043  -9.496  1.00 26.59 ? 67  SER A CA  1 
ATOM   315 C C   . SER A 1 38 ? -4.332  -1.874  -8.616  1.00 26.35 ? 67  SER A C   1 
ATOM   316 O O   . SER A 1 38 ? -4.902  -1.670  -7.545  1.00 25.00 ? 67  SER A O   1 
ATOM   317 C CB  . SER A 1 38 ? -5.532  -2.525  -10.677 1.00 25.80 ? 67  SER A CB  1 
ATOM   318 O OG  . SER A 1 38 ? -6.535  -1.647  -10.184 1.00 29.24 ? 67  SER A OG  1 
ATOM   319 N N   . VAL A 1 39 ? -3.384  -1.075  -9.087  1.00 27.46 ? 68  VAL A N   1 
ATOM   320 C CA  . VAL A 1 39 ? -2.973  0.121   -8.356  1.00 25.07 ? 68  VAL A CA  1 
ATOM   321 C C   . VAL A 1 39 ? -4.178  0.994   -8.027  1.00 25.20 ? 68  VAL A C   1 
ATOM   322 O O   . VAL A 1 39 ? -4.351  1.463   -6.907  1.00 27.70 ? 68  VAL A O   1 
ATOM   323 C CB  . VAL A 1 39 ? -1.953  0.935   -9.159  1.00 26.49 ? 68  VAL A CB  1 
ATOM   324 C CG1 . VAL A 1 39 ? -1.684  2.238   -8.470  1.00 28.74 ? 68  VAL A CG1 1 
ATOM   325 C CG2 . VAL A 1 39 ? -0.669  0.142   -9.339  1.00 22.99 ? 68  VAL A CG2 1 
ATOM   326 N N   . ASP A 1 40 ? -5.026  1.186   -9.021  1.00 28.00 ? 69  ASP A N   1 
ATOM   327 C CA  . ASP A 1 40 ? -6.252  1.931   -8.848  1.00 23.48 ? 69  ASP A CA  1 
ATOM   328 C C   . ASP A 1 40 ? -7.096  1.309   -7.742  1.00 26.43 ? 69  ASP A C   1 
ATOM   329 O O   . ASP A 1 40 ? -7.641  2.021   -6.903  1.00 31.27 ? 69  ASP A O   1 
ATOM   330 C CB  . ASP A 1 40 ? -7.002  1.976   -10.178 1.00 32.33 ? 69  ASP A CB  1 
ATOM   331 C CG  . ASP A 1 40 ? -8.372  2.616   -10.067 1.00 40.48 ? 69  ASP A CG  1 
ATOM   332 O OD1 . ASP A 1 40 ? -8.497  3.657   -9.382  1.00 42.51 ? 69  ASP A OD1 1 
ATOM   333 O OD2 . ASP A 1 40 ? -9.327  2.064   -10.668 1.00 43.79 ? 69  ASP A OD2 1 
ATOM   334 N N   . ASP A 1 41 ? -7.185  -0.019  -7.721  1.00 27.88 ? 70  ASP A N   1 
ATOM   335 C CA  . ASP A 1 41 ? -7.971  -0.697  -6.691  1.00 27.04 ? 70  ASP A CA  1 
ATOM   336 C C   . ASP A 1 41 ? -7.409  -0.360  -5.300  1.00 28.75 ? 70  ASP A C   1 
ATOM   337 O O   . ASP A 1 41 ? -8.144  -0.084  -4.350  1.00 25.55 ? 70  ASP A O   1 
ATOM   338 C CB  . ASP A 1 41 ? -7.966  -2.227  -6.892  1.00 28.41 ? 70  ASP A CB  1 
ATOM   339 C CG  . ASP A 1 41 ? -8.710  -2.679  -8.142  1.00 30.20 ? 70  ASP A CG  1 
ATOM   340 O OD1 . ASP A 1 41 ? -9.634  -1.976  -8.584  1.00 34.16 ? 70  ASP A OD1 1 
ATOM   341 O OD2 . ASP A 1 41 ? -8.402  -3.777  -8.656  1.00 30.65 ? 70  ASP A OD2 1 
ATOM   342 N N   . ALA A 1 42 ? -6.088  -0.400  -5.198  1.00 27.84 ? 71  ALA A N   1 
ATOM   343 C CA  . ALA A 1 42 ? -5.395  -0.099  -3.965  1.00 25.80 ? 71  ALA A CA  1 
ATOM   344 C C   . ALA A 1 42 ? -5.683  1.325   -3.492  1.00 23.03 ? 71  ALA A C   1 
ATOM   345 O O   . ALA A 1 42 ? -6.028  1.533   -2.334  1.00 27.20 ? 71  ALA A O   1 
ATOM   346 C CB  . ALA A 1 42 ? -3.899  -0.317  -4.157  1.00 24.05 ? 71  ALA A CB  1 
ATOM   347 N N   . VAL A 1 43 ? -5.548  2.292   -4.396  1.00 28.00 ? 72  VAL A N   1 
ATOM   348 C CA  . VAL A 1 43 ? -5.905  3.693   -4.123  1.00 28.49 ? 72  VAL A CA  1 
ATOM   349 C C   . VAL A 1 43 ? -7.313  3.866   -3.561  1.00 27.62 ? 72  VAL A C   1 
ATOM   350 O O   . VAL A 1 43 ? -7.506  4.529   -2.551  1.00 29.44 ? 72  VAL A O   1 
ATOM   351 C CB  . VAL A 1 43 ? -5.802  4.544   -5.392  1.00 25.82 ? 72  VAL A CB  1 
ATOM   352 C CG1 . VAL A 1 43 ? -6.340  5.932   -5.140  1.00 26.78 ? 72  VAL A CG1 1 
ATOM   353 C CG2 . VAL A 1 43 ? -4.367  4.608   -5.847  1.00 23.62 ? 72  VAL A CG2 1 
ATOM   354 N N   . MET A 1 44 ? -8.296  3.273   -4.226  1.00 26.48 ? 73  MET A N   1 
ATOM   355 C CA  . MET A 1 44 ? -9.671  3.352   -3.751  1.00 29.48 ? 73  MET A CA  1 
ATOM   356 C C   . MET A 1 44 ? -9.790  2.819   -2.336  1.00 27.39 ? 73  MET A C   1 
ATOM   357 O O   . MET A 1 44 ? -10.412 3.429   -1.470  1.00 31.73 ? 73  MET A O   1 
ATOM   358 C CB  . MET A 1 44 ? -10.615 2.580   -4.681  1.00 35.04 ? 73  MET A CB  1 
ATOM   359 C CG  . MET A 1 44 ? -10.715 3.131   -6.116  1.00 42.01 ? 73  MET A CG  1 
ATOM   360 S SD  . MET A 1 44 ? -11.392 4.812   -6.224  1.00 60.12 ? 73  MET A SD  1 
ATOM   361 C CE  . MET A 1 44 ? -12.738 4.713   -5.022  1.00 43.97 ? 73  MET A CE  1 
ATOM   362 N N   . TYR A 1 45 ? -9.176  1.676   -2.099  1.00 27.16 ? 74  TYR A N   1 
ATOM   363 C CA  . TYR A 1 45 ? -9.209  1.065   -0.777  1.00 29.10 ? 74  TYR A CA  1 
ATOM   364 C C   . TYR A 1 45 ? -8.555  1.948   0.276   1.00 27.69 ? 74  TYR A C   1 
ATOM   365 O O   . TYR A 1 45 ? -9.016  2.019   1.419   1.00 28.06 ? 74  TYR A O   1 
ATOM   366 C CB  . TYR A 1 45 ? -8.519  -0.292  -0.830  1.00 28.09 ? 74  TYR A CB  1 
ATOM   367 C CG  . TYR A 1 45 ? -8.199  -0.879  0.512   1.00 25.50 ? 74  TYR A CG  1 
ATOM   368 C CD1 . TYR A 1 45 ? -9.192  -1.425  1.300   1.00 24.49 ? 74  TYR A CD1 1 
ATOM   369 C CD2 . TYR A 1 45 ? -6.892  -0.894  0.986   1.00 25.33 ? 74  TYR A CD2 1 
ATOM   370 C CE1 . TYR A 1 45 ? -8.903  -1.978  2.525   1.00 26.42 ? 74  TYR A CE1 1 
ATOM   371 C CE2 . TYR A 1 45 ? -6.591  -1.442  2.215   1.00 25.03 ? 74  TYR A CE2 1 
ATOM   372 C CZ  . TYR A 1 45 ? -7.604  -1.980  2.977   1.00 26.17 ? 74  TYR A CZ  1 
ATOM   373 O OH  . TYR A 1 45 ? -7.319  -2.518  4.201   1.00 33.66 ? 74  TYR A OH  1 
ATOM   374 N N   . MET A 1 46 ? -7.469  2.610   -0.102  1.00 26.20 ? 75  MET A N   1 
ATOM   375 C CA  . MET A 1 46 ? -6.789  3.489   0.835   1.00 27.44 ? 75  MET A CA  1 
ATOM   376 C C   . MET A 1 46 ? -7.608  4.751   1.060   1.00 26.99 ? 75  MET A C   1 
ATOM   377 O O   . MET A 1 46 ? -7.705  5.235   2.183   1.00 31.27 ? 75  MET A O   1 
ATOM   378 C CB  . MET A 1 46 ? -5.376  3.828   0.354   1.00 25.78 ? 75  MET A CB  1 
ATOM   379 C CG  . MET A 1 46 ? -4.355  2.743   0.706   1.00 24.67 ? 75  MET A CG  1 
ATOM   380 S SD  . MET A 1 46 ? -2.698  3.035   0.070   1.00 26.70 ? 75  MET A SD  1 
ATOM   381 C CE  . MET A 1 46 ? -2.191  4.333   1.158   1.00 31.46 ? 75  MET A CE  1 
ATOM   382 N N   . LYS A 1 47 ? -8.215  5.267   -0.001  1.00 28.69 ? 76  LYS A N   1 
ATOM   383 C CA  . LYS A 1 47 ? -9.122  6.397   0.132   1.00 28.31 ? 76  LYS A CA  1 
ATOM   384 C C   . LYS A 1 47 ? -10.265 6.043   1.059   1.00 31.61 ? 76  LYS A C   1 
ATOM   385 O O   . LYS A 1 47 ? -10.612 6.817   1.951   1.00 33.93 ? 76  LYS A O   1 
ATOM   386 C CB  . LYS A 1 47 ? -9.669  6.805   -1.216  1.00 29.45 ? 76  LYS A CB  1 
ATOM   387 C CG  . LYS A 1 47 ? -8.700  7.517   -2.119  1.00 25.61 ? 76  LYS A CG  1 
ATOM   388 C CD  . LYS A 1 47 ? -9.213  7.358   -3.529  1.00 31.81 ? 76  LYS A CD  1 
ATOM   389 C CE  . LYS A 1 47 ? -8.990  8.564   -4.393  1.00 32.51 ? 76  LYS A CE  1 
ATOM   390 N NZ  . LYS A 1 47 ? -9.820  8.424   -5.624  1.00 30.01 ? 76  LYS A NZ  1 
ATOM   391 N N   . SER A 1 48 ? -10.824 4.852   0.873   1.00 32.45 ? 77  SER A N   1 
ATOM   392 C CA  . SER A 1 48 ? -11.906 4.365   1.725   1.00 30.79 ? 77  SER A CA  1 
ATOM   393 C C   . SER A 1 48 ? -11.535 4.323   3.208   1.00 31.90 ? 77  SER A C   1 
ATOM   394 O O   . SER A 1 48 ? -12.400 4.440   4.083   1.00 33.06 ? 77  SER A O   1 
ATOM   395 C CB  . SER A 1 48 ? -12.352 2.972   1.279   1.00 35.74 ? 77  SER A CB  1 
ATOM   396 O OG  . SER A 1 48 ? -11.514 1.963   1.826   1.00 36.06 ? 77  SER A OG  1 
ATOM   397 N N   . LEU A 1 49 ? -10.263 4.142   3.518   1.00 32.70 ? 78  LEU A N   1 
ATOM   398 C CA  . LEU A 1 49 ? -9.885  4.155   4.924   1.00 29.58 ? 78  LEU A CA  1 
ATOM   399 C C   . LEU A 1 49 ? -9.654  5.582   5.427   1.00 31.96 ? 78  LEU A C   1 
ATOM   400 O O   . LEU A 1 49 ? -9.185  5.774   6.551   1.00 28.90 ? 78  LEU A O   1 
ATOM   401 C CB  . LEU A 1 49 ? -8.640  3.304   5.152   1.00 31.47 ? 78  LEU A CB  1 
ATOM   402 C CG  . LEU A 1 49 ? -8.775  1.816   4.802   1.00 34.92 ? 78  LEU A CG  1 
ATOM   403 C CD1 . LEU A 1 49 ? -7.409  1.157   4.708   1.00 31.70 ? 78  LEU A CD1 1 
ATOM   404 C CD2 . LEU A 1 49 ? -9.629  1.058   5.818   1.00 31.86 ? 78  LEU A CD2 1 
ATOM   405 N N   . GLY A 1 50 ? -9.973  6.574   4.590   1.00 30.90 ? 79  GLY A N   1 
ATOM   406 C CA  . GLY A 1 50 ? -9.815  7.977   4.958   1.00 28.97 ? 79  GLY A CA  1 
ATOM   407 C C   . GLY A 1 50 ? -8.370  8.402   5.164   1.00 29.74 ? 79  GLY A C   1 
ATOM   408 O O   . GLY A 1 50 ? -8.044  9.137   6.091   1.00 26.30 ? 79  GLY A O   1 
ATOM   409 N N   . MET A 1 51 ? -7.497  7.941   4.283   1.00 28.04 ? 80  MET A N   1 
ATOM   410 C CA  . MET A 1 51 ? -6.074  8.201   4.429   1.00 27.96 ? 80  MET A CA  1 
ATOM   411 C C   . MET A 1 51 ? -5.709  9.529   3.766   1.00 25.91 ? 80  MET A C   1 
ATOM   412 O O   . MET A 1 51 ? -6.355  9.922   2.799   1.00 26.64 ? 80  MET A O   1 
ATOM   413 C CB  . MET A 1 51 ? -5.282  7.050   3.820   1.00 24.30 ? 80  MET A CB  1 
ATOM   414 C CG  . MET A 1 51 ? -4.494  6.258   4.812   1.00 28.76 ? 80  MET A CG  1 
ATOM   415 S SD  . MET A 1 51 ? -3.790  4.775   4.080   1.00 28.90 ? 80  MET A SD  1 
ATOM   416 C CE  . MET A 1 51 ? -5.214  3.744   4.124   1.00 31.31 ? 80  MET A CE  1 
ATOM   417 N N   . ASP A 1 52 ? -4.690  10.214  4.283   1.00 23.70 ? 81  ASP A N   1 
ATOM   418 C CA  . ASP A 1 52 ? -4.231  11.490  3.722   1.00 22.95 ? 81  ASP A CA  1 
ATOM   419 C C   . ASP A 1 52 ? -3.570  11.341  2.370   1.00 22.41 ? 81  ASP A C   1 
ATOM   420 O O   . ASP A 1 52 ? -3.088  10.268  2.029   1.00 23.45 ? 81  ASP A O   1 
ATOM   421 C CB  . ASP A 1 52 ? -3.221  12.170  4.646   1.00 23.98 ? 81  ASP A CB  1 
ATOM   422 C CG  . ASP A 1 52 ? -3.750  12.372  6.033   1.00 36.93 ? 81  ASP A CG  1 
ATOM   423 O OD1 . ASP A 1 52 ? -4.964  12.675  6.170   1.00 36.71 ? 81  ASP A OD1 1 
ATOM   424 O OD2 . ASP A 1 52 ? -2.940  12.239  6.986   1.00 40.10 ? 81  ASP A OD2 1 
ATOM   425 N N   . PHE A 1 53 ? -3.475  12.455  1.647   1.00 22.44 ? 82  PHE A N   1 
ATOM   426 C CA  . PHE A 1 53 ? -2.865  12.500  0.321   1.00 22.37 ? 82  PHE A CA  1 
ATOM   427 C C   . PHE A 1 53 ? -1.389  12.096  0.302   1.00 21.55 ? 82  PHE A C   1 
ATOM   428 O O   . PHE A 1 53 ? -0.979  11.270  -0.514  1.00 23.01 ? 82  PHE A O   1 
ATOM   429 C CB  . PHE A 1 53 ? -3.025  13.902  -0.259  1.00 20.70 ? 82  PHE A CB  1 
ATOM   430 C CG  . PHE A 1 53 ? -2.328  14.100  -1.564  1.00 19.92 ? 82  PHE A CG  1 
ATOM   431 C CD1 . PHE A 1 53 ? -2.810  13.502  -2.717  1.00 23.82 ? 82  PHE A CD1 1 
ATOM   432 C CD2 . PHE A 1 53 ? -1.202  14.896  -1.645  1.00 20.64 ? 82  PHE A CD2 1 
ATOM   433 C CE1 . PHE A 1 53 ? -2.171  13.681  -3.932  1.00 24.75 ? 82  PHE A CE1 1 
ATOM   434 C CE2 . PHE A 1 53 ? -0.557  15.084  -2.846  1.00 22.68 ? 82  PHE A CE2 1 
ATOM   435 C CZ  . PHE A 1 53 ? -1.047  14.478  -4.002  1.00 26.11 ? 82  PHE A CZ  1 
ATOM   436 N N   . ASP A 1 54 ? -0.590  12.684  1.186   1.00 21.35 ? 83  ASP A N   1 
ATOM   437 C CA  . ASP A 1 54 ? 0.817   12.316  1.283   1.00 22.95 ? 83  ASP A CA  1 
ATOM   438 C C   . ASP A 1 54 ? 0.972   10.824  1.556   1.00 24.49 ? 83  ASP A C   1 
ATOM   439 O O   . ASP A 1 54 ? 1.751   10.133  0.890   1.00 23.92 ? 83  ASP A O   1 
ATOM   440 C CB  . ASP A 1 54 ? 1.506   13.119  2.385   1.00 26.59 ? 83  ASP A CB  1 
ATOM   441 C CG  . ASP A 1 54 ? 1.715   14.571  2.007   1.00 32.18 ? 83  ASP A CG  1 
ATOM   442 O OD1 . ASP A 1 54 ? 1.853   14.871  0.800   1.00 32.89 ? 83  ASP A OD1 1 
ATOM   443 O OD2 . ASP A 1 54 ? 1.724   15.424  2.916   1.00 43.10 ? 83  ASP A OD2 1 
ATOM   444 N N   . ALA A 1 55 ? 0.229   10.348  2.555   1.00 19.95 ? 84  ALA A N   1 
ATOM   445 C CA  . ALA A 1 55 ? 0.227   8.950   2.935   1.00 18.55 ? 84  ALA A CA  1 
ATOM   446 C C   . ALA A 1 55 ? -0.052  8.049   1.739   1.00 20.82 ? 84  ALA A C   1 
ATOM   447 O O   . ALA A 1 55 ? 0.727   7.146   1.425   1.00 23.26 ? 84  ALA A O   1 
ATOM   448 C CB  . ALA A 1 55 ? -0.809  8.710   4.031   1.00 20.22 ? 84  ALA A CB  1 
ATOM   449 N N   . ILE A 1 56 ? -1.169  8.301   1.067   1.00 21.79 ? 85  ILE A N   1 
ATOM   450 C CA  . ILE A 1 56 ? -1.587  7.473   -0.049  1.00 21.72 ? 85  ILE A CA  1 
ATOM   451 C C   . ILE A 1 56 ? -0.532  7.449   -1.139  1.00 21.53 ? 85  ILE A C   1 
ATOM   452 O O   . ILE A 1 56 ? -0.186  6.382   -1.666  1.00 20.13 ? 85  ILE A O   1 
ATOM   453 C CB  . ILE A 1 56 ? -2.927  7.947   -0.623  1.00 21.41 ? 85  ILE A CB  1 
ATOM   454 C CG1 . ILE A 1 56 ? -4.058  7.625   0.359   1.00 22.12 ? 85  ILE A CG1 1 
ATOM   455 C CG2 . ILE A 1 56 ? -3.217  7.251   -1.921  1.00 22.08 ? 85  ILE A CG2 1 
ATOM   456 C CD1 . ILE A 1 56 ? -5.467  7.896   -0.187  1.00 23.47 ? 85  ILE A CD1 1 
ATOM   457 N N   . SER A 1 57 ? 0.014   8.618   -1.438  1.00 19.59 ? 86  SER A N   1 
ATOM   458 C CA  . SER A 1 57 ? 0.993   8.730   -2.495  1.00 19.69 ? 86  SER A CA  1 
ATOM   459 C C   . SER A 1 57 ? 2.240   7.896   -2.196  1.00 22.90 ? 86  SER A C   1 
ATOM   460 O O   . SER A 1 57 ? 2.904   7.379   -3.094  1.00 21.20 ? 86  SER A O   1 
ATOM   461 C CB  . SER A 1 57 ? 1.353   10.187  -2.693  1.00 21.68 ? 86  SER A CB  1 
ATOM   462 O OG  . SER A 1 57 ? 2.607   10.278  -3.338  1.00 36.37 ? 86  SER A OG  1 
ATOM   463 N N   . HIS A 1 58 ? 2.529   7.746   -0.912  1.00 24.54 ? 87  HIS A N   1 
ATOM   464 C CA  . HIS A 1 58 ? 3.659   6.953   -0.465  1.00 21.59 ? 87  HIS A CA  1 
ATOM   465 C C   . HIS A 1 58 ? 3.435   5.452   -0.648  1.00 20.67 ? 87  HIS A C   1 
ATOM   466 O O   . HIS A 1 58 ? 4.333   4.730   -1.081  1.00 20.05 ? 87  HIS A O   1 
ATOM   467 C CB  . HIS A 1 58 ? 3.959   7.254   0.999   1.00 19.76 ? 87  HIS A CB  1 
ATOM   468 C CG  . HIS A 1 58 ? 5.123   6.497   1.526   1.00 18.76 ? 87  HIS A CG  1 
ATOM   469 N ND1 . HIS A 1 58 ? 6.426   6.881   1.290   1.00 22.95 ? 87  HIS A ND1 1 
ATOM   470 C CD2 . HIS A 1 58 ? 5.192   5.354   2.244   1.00 18.23 ? 87  HIS A CD2 1 
ATOM   471 C CE1 . HIS A 1 58 ? 7.247   6.013   1.847   1.00 24.13 ? 87  HIS A CE1 1 
ATOM   472 N NE2 . HIS A 1 58 ? 6.526   5.074   2.432   1.00 23.20 ? 87  HIS A NE2 1 
ATOM   473 N N   . PHE A 1 59 ? 2.244   4.968   -0.319  1.00 20.01 ? 88  PHE A N   1 
ATOM   474 C CA  . PHE A 1 59 ? 2.004   3.533   -0.441  1.00 19.82 ? 88  PHE A CA  1 
ATOM   475 C C   . PHE A 1 59 ? 1.651   3.119   -1.850  1.00 19.85 ? 88  PHE A C   1 
ATOM   476 O O   . PHE A 1 59 ? 1.786   1.955   -2.203  1.00 21.63 ? 88  PHE A O   1 
ATOM   477 C CB  . PHE A 1 59 ? 0.914   3.071   0.520   1.00 18.94 ? 88  PHE A CB  1 
ATOM   478 C CG  . PHE A 1 59 ? 1.342   3.089   1.964   1.00 21.02 ? 88  PHE A CG  1 
ATOM   479 C CD1 . PHE A 1 59 ? 1.911   1.970   2.544   1.00 19.62 ? 88  PHE A CD1 1 
ATOM   480 C CD2 . PHE A 1 59 ? 1.202   4.233   2.725   1.00 20.45 ? 88  PHE A CD2 1 
ATOM   481 C CE1 . PHE A 1 59 ? 2.308   1.984   3.852   1.00 18.48 ? 88  PHE A CE1 1 
ATOM   482 C CE2 . PHE A 1 59 ? 1.598   4.252   4.031   1.00 19.91 ? 88  PHE A CE2 1 
ATOM   483 C CZ  . PHE A 1 59 ? 2.150   3.119   4.598   1.00 18.73 ? 88  PHE A CZ  1 
ATOM   484 N N   . VAL A 1 60 ? 1.195   4.060   -2.661  1.00 20.40 ? 89  VAL A N   1 
ATOM   485 C CA  . VAL A 1 60 ? 0.991   3.760   -4.064  1.00 19.58 ? 89  VAL A CA  1 
ATOM   486 C C   . VAL A 1 60 ? 2.333   3.490   -4.716  1.00 20.74 ? 89  VAL A C   1 
ATOM   487 O O   . VAL A 1 60 ? 2.468   2.564   -5.501  1.00 24.24 ? 89  VAL A O   1 
ATOM   488 C CB  . VAL A 1 60 ? 0.277   4.900   -4.820  1.00 21.85 ? 89  VAL A CB  1 
ATOM   489 C CG1 . VAL A 1 60 ? 0.300   4.627   -6.310  1.00 25.10 ? 89  VAL A CG1 1 
ATOM   490 C CG2 . VAL A 1 60 ? -1.141  4.996   -4.365  1.00 20.59 ? 89  VAL A CG2 1 
ATOM   491 N N   . ASP A 1 61 ? 3.331   4.296   -4.384  1.00 21.88 ? 90  ASP A N   1 
ATOM   492 C CA  . ASP A 1 61 ? 4.658   4.124   -4.958  1.00 23.13 ? 90  ASP A CA  1 
ATOM   493 C C   . ASP A 1 61 ? 5.218   2.765   -4.553  1.00 21.95 ? 90  ASP A C   1 
ATOM   494 O O   . ASP A 1 61 ? 5.812   2.059   -5.358  1.00 22.33 ? 90  ASP A O   1 
ATOM   495 C CB  . ASP A 1 61 ? 5.585   5.265   -4.525  1.00 24.10 ? 90  ASP A CB  1 
ATOM   496 C CG  . ASP A 1 61 ? 7.025   5.048   -4.953  1.00 31.80 ? 90  ASP A CG  1 
ATOM   497 O OD1 . ASP A 1 61 ? 7.316   5.157   -6.158  1.00 38.51 ? 90  ASP A OD1 1 
ATOM   498 O OD2 . ASP A 1 61 ? 7.877   4.769   -4.081  1.00 35.13 ? 90  ASP A OD2 1 
ATOM   499 N N   . ALA A 1 62 ? 5.004   2.389   -3.302  1.00 21.28 ? 91  ALA A N   1 
ATOM   500 C CA  . ALA A 1 62 ? 5.488   1.108   -2.826  1.00 21.27 ? 91  ALA A CA  1 
ATOM   501 C C   . ALA A 1 62 ? 4.740   -0.035  -3.506  1.00 21.28 ? 91  ALA A C   1 
ATOM   502 O O   . ALA A 1 62 ? 5.328   -1.048  -3.866  1.00 21.41 ? 91  ALA A O   1 
ATOM   503 C CB  . ALA A 1 62 ? 5.350   1.022   -1.332  1.00 18.18 ? 91  ALA A CB  1 
ATOM   504 N N   . TYR A 1 63 ? 3.438   0.119   -3.688  1.00 20.20 ? 92  TYR A N   1 
ATOM   505 C CA  . TYR A 1 63 ? 2.685   -0.950  -4.312  1.00 20.37 ? 92  TYR A CA  1 
ATOM   506 C C   . TYR A 1 63 ? 3.061   -1.075  -5.785  1.00 21.79 ? 92  TYR A C   1 
ATOM   507 O O   . TYR A 1 63 ? 3.156   -2.182  -6.308  1.00 22.36 ? 92  TYR A O   1 
ATOM   508 C CB  . TYR A 1 63 ? 1.191   -0.719  -4.158  1.00 16.91 ? 92  TYR A CB  1 
ATOM   509 C CG  . TYR A 1 63 ? 0.357   -1.890  -4.595  1.00 15.73 ? 92  TYR A CG  1 
ATOM   510 C CD1 . TYR A 1 63 ? 0.669   -3.172  -4.179  1.00 15.25 ? 92  TYR A CD1 1 
ATOM   511 C CD2 . TYR A 1 63 ? -0.749  -1.718  -5.413  1.00 16.61 ? 92  TYR A CD2 1 
ATOM   512 C CE1 . TYR A 1 63 ? -0.084  -4.250  -4.563  1.00 17.36 ? 92  TYR A CE1 1 
ATOM   513 C CE2 . TYR A 1 63 ? -1.516  -2.795  -5.807  1.00 16.74 ? 92  TYR A CE2 1 
ATOM   514 C CZ  . TYR A 1 63 ? -1.178  -4.058  -5.383  1.00 19.75 ? 92  TYR A CZ  1 
ATOM   515 O OH  . TYR A 1 63 ? -1.935  -5.141  -5.763  1.00 21.16 ? 92  TYR A OH  1 
ATOM   516 N N   . ARG A 1 64 ? 3.288   0.057   -6.447  1.00 22.68 ? 93  ARG A N   1 
ATOM   517 C CA  . ARG A 1 64 ? 3.737   0.043   -7.838  1.00 21.09 ? 93  ARG A CA  1 
ATOM   518 C C   . ARG A 1 64 ? 5.075   -0.675  -7.982  1.00 22.57 ? 93  ARG A C   1 
ATOM   519 O O   . ARG A 1 64 ? 5.257   -1.460  -8.914  1.00 24.37 ? 93  ARG A O   1 
ATOM   520 C CB  . ARG A 1 64 ? 3.863   1.457   -8.391  1.00 21.74 ? 93  ARG A CB  1 
ATOM   521 C CG  . ARG A 1 64 ? 2.565   2.106   -8.742  1.00 24.76 ? 93  ARG A CG  1 
ATOM   522 C CD  . ARG A 1 64 ? 2.798   3.438   -9.453  1.00 32.86 ? 93  ARG A CD  1 
ATOM   523 N NE  . ARG A 1 64 ? 1.666   3.759   -10.317 1.00 48.10 ? 93  ARG A NE  1 
ATOM   524 C CZ  . ARG A 1 64 ? 0.956   4.882   -10.247 1.00 48.69 ? 93  ARG A CZ  1 
ATOM   525 N NH1 . ARG A 1 64 ? 1.275   5.817   -9.355  1.00 47.86 ? 93  ARG A NH1 1 
ATOM   526 N NH2 . ARG A 1 64 ? -0.067  5.071   -11.077 1.00 45.31 ? 93  ARG A NH2 1 
ATOM   527 N N   . LYS A 1 65 ? 6.012   -0.413  -7.071  1.00 21.59 ? 94  LYS A N   1 
ATOM   528 C CA  . LYS A 1 65 ? 7.316   -1.059  -7.150  1.00 20.07 ? 94  LYS A CA  1 
ATOM   529 C C   . LYS A 1 65 ? 7.151   -2.562  -7.004  1.00 20.05 ? 94  LYS A C   1 
ATOM   530 O O   . LYS A 1 65 ? 7.775   -3.336  -7.723  1.00 24.07 ? 94  LYS A O   1 
ATOM   531 C CB  . LYS A 1 65 ? 8.265   -0.525  -6.082  1.00 21.28 ? 94  LYS A CB  1 
ATOM   532 C CG  . LYS A 1 65 ? 8.647   0.950   -6.215  1.00 23.86 ? 94  LYS A CG  1 
ATOM   533 C CD  . LYS A 1 65 ? 9.667   1.327   -5.128  1.00 34.11 ? 94  LYS A CD  1 
ATOM   534 C CE  . LYS A 1 65 ? 10.053  2.805   -5.143  1.00 37.09 ? 94  LYS A CE  1 
ATOM   535 N NZ  . LYS A 1 65 ? 10.118  3.346   -6.530  1.00 44.59 ? 94  LYS A NZ  1 
ATOM   536 N N   . HIS A 1 66 ? 6.293   -2.962  -6.070  1.00 21.52 ? 95  HIS A N   1 
ATOM   537 C CA  . HIS A 1 66 ? 5.993   -4.363  -5.772  1.00 18.54 ? 95  HIS A CA  1 
ATOM   538 C C   . HIS A 1 66 ? 5.363   -5.046  -6.994  1.00 20.07 ? 95  HIS A C   1 
ATOM   539 O O   . HIS A 1 66 ? 5.791   -6.109  -7.440  1.00 20.27 ? 95  HIS A O   1 
ATOM   540 C CB  . HIS A 1 66 ? 5.057   -4.417  -4.557  1.00 18.66 ? 95  HIS A CB  1 
ATOM   541 C CG  . HIS A 1 66 ? 4.829   -5.791  -3.995  1.00 19.79 ? 95  HIS A CG  1 
ATOM   542 N ND1 . HIS A 1 66 ? 5.735   -6.424  -3.172  1.00 21.58 ? 95  HIS A ND1 1 
ATOM   543 C CD2 . HIS A 1 66 ? 3.772   -6.636  -4.106  1.00 18.74 ? 95  HIS A CD2 1 
ATOM   544 C CE1 . HIS A 1 66 ? 5.257   -7.604  -2.812  1.00 19.47 ? 95  HIS A CE1 1 
ATOM   545 N NE2 . HIS A 1 66 ? 4.069   -7.758  -3.368  1.00 19.93 ? 95  HIS A NE2 1 
ATOM   546 N N   . ILE A 1 67 ? 4.341   -4.404  -7.533  1.00 20.73 ? 96  ILE A N   1 
ATOM   547 C CA  . ILE A 1 67 ? 3.665   -4.873  -8.724  1.00 20.83 ? 96  ILE A CA  1 
ATOM   548 C C   . ILE A 1 67 ? 4.625   -4.954  -9.903  1.00 23.60 ? 96  ILE A C   1 
ATOM   549 O O   . ILE A 1 67 ? 4.650   -5.935  -10.652 1.00 21.94 ? 96  ILE A O   1 
ATOM   550 C CB  . ILE A 1 67 ? 2.476   -3.952  -9.089  1.00 19.55 ? 96  ILE A CB  1 
ATOM   551 C CG1 . ILE A 1 67 ? 1.301   -4.233  -8.165  1.00 20.99 ? 96  ILE A CG1 1 
ATOM   552 C CG2 . ILE A 1 67 ? 2.039   -4.180  -10.492 1.00 20.62 ? 96  ILE A CG2 1 
ATOM   553 C CD1 . ILE A 1 67 ? 1.161   -5.700  -7.813  1.00 19.24 ? 96  ILE A CD1 1 
ATOM   554 N N   . ASN A 1 68 ? 5.422   -3.916  -10.078 1.00 22.22 ? 97  ASN A N   1 
ATOM   555 C CA  . ASN A 1 68 ? 6.342   -3.910  -11.197 1.00 21.55 ? 97  ASN A CA  1 
ATOM   556 C C   . ASN A 1 68 ? 7.403   -5.012  -11.082 1.00 23.30 ? 97  ASN A C   1 
ATOM   557 O O   . ASN A 1 68 ? 7.991   -5.440  -12.076 1.00 22.62 ? 97  ASN A O   1 
ATOM   558 C CB  . ASN A 1 68 ? 7.000   -2.544  -11.318 1.00 20.97 ? 97  ASN A CB  1 
ATOM   559 C CG  . ASN A 1 68 ? 7.895   -2.450  -12.518 1.00 31.26 ? 97  ASN A CG  1 
ATOM   560 O OD1 . ASN A 1 68 ? 9.087   -2.746  -12.439 1.00 36.28 ? 97  ASN A OD1 1 
ATOM   561 N ND2 . ASN A 1 68 ? 7.328   -2.058  -13.652 1.00 31.70 ? 97  ASN A ND2 1 
ATOM   562 N N   . LYS A 1 69 ? 7.631   -5.483  -9.863  1.00 22.89 ? 98  LYS A N   1 
ATOM   563 C CA  . LYS A 1 69 ? 8.596   -6.537  -9.624  1.00 19.45 ? 98  LYS A CA  1 
ATOM   564 C C   . LYS A 1 69 ? 7.993   -7.921  -9.791  1.00 19.24 ? 98  LYS A C   1 
ATOM   565 O O   . LYS A 1 69 ? 8.521   -8.750  -10.530 1.00 21.90 ? 98  LYS A O   1 
ATOM   566 C CB  . LYS A 1 69 ? 9.182   -6.401  -8.222  1.00 19.85 ? 98  LYS A CB  1 
ATOM   567 C CG  . LYS A 1 69 ? 9.904   -7.627  -7.757  1.00 23.04 ? 98  LYS A CG  1 
ATOM   568 C CD  . LYS A 1 69 ? 10.711  -7.337  -6.514  1.00 26.19 ? 98  LYS A CD  1 
ATOM   569 C CE  . LYS A 1 69 ? 11.689  -8.443  -6.242  1.00 29.14 ? 98  LYS A CE  1 
ATOM   570 N NZ  . LYS A 1 69 ? 11.810  -8.722  -4.773  1.00 44.20 ? 98  LYS A NZ  1 
ATOM   571 N N   . LYS A 1 70 ? 6.887   -8.179  -9.110  1.00 19.81 ? 99  LYS A N   1 
ATOM   572 C CA  . LYS A 1 70 ? 6.374   -9.541  -9.039  1.00 19.31 ? 99  LYS A CA  1 
ATOM   573 C C   . LYS A 1 70 ? 5.186   -9.780  -9.961  1.00 20.90 ? 99  LYS A C   1 
ATOM   574 O O   . LYS A 1 70 ? 4.741   -10.911 -10.144 1.00 22.26 ? 99  LYS A O   1 
ATOM   575 C CB  . LYS A 1 70 ? 6.000   -9.876  -7.597  1.00 23.01 ? 99  LYS A CB  1 
ATOM   576 C CG  . LYS A 1 70 ? 7.153   -9.696  -6.638  1.00 22.54 ? 99  LYS A CG  1 
ATOM   577 C CD  . LYS A 1 70 ? 6.846   -10.254 -5.289  1.00 24.74 ? 99  LYS A CD  1 
ATOM   578 C CE  . LYS A 1 70 ? 6.739   -11.750 -5.350  1.00 25.53 ? 99  LYS A CE  1 
ATOM   579 N NZ  . LYS A 1 70 ? 6.385   -12.276 -4.006  1.00 33.46 ? 99  LYS A NZ  1 
ATOM   580 N N   . GLY A 1 71 ? 4.677   -8.704  -10.536 1.00 18.90 ? 100 GLY A N   1 
ATOM   581 C CA  . GLY A 1 71 ? 3.607   -8.793  -11.496 1.00 17.79 ? 100 GLY A CA  1 
ATOM   582 C C   . GLY A 1 71 ? 2.262   -8.882  -10.829 1.00 18.52 ? 100 GLY A C   1 
ATOM   583 O O   . GLY A 1 71 ? 2.148   -9.373  -9.707  1.00 18.70 ? 100 GLY A O   1 
ATOM   584 N N   . LEU A 1 72 ? 1.252   -8.375  -11.527 1.00 17.41 ? 101 LEU A N   1 
ATOM   585 C CA  . LEU A 1 72 ? -0.145  -8.526  -11.147 1.00 18.35 ? 101 LEU A CA  1 
ATOM   586 C C   . LEU A 1 72 ? -0.747  -9.729  -11.862 1.00 20.45 ? 101 LEU A C   1 
ATOM   587 O O   . LEU A 1 72 ? -0.780  -9.775  -13.088 1.00 21.69 ? 101 LEU A O   1 
ATOM   588 C CB  . LEU A 1 72 ? -0.939  -7.267  -11.484 1.00 18.31 ? 101 LEU A CB  1 
ATOM   589 C CG  . LEU A 1 72 ? -2.386  -7.253  -10.993 1.00 25.07 ? 101 LEU A CG  1 
ATOM   590 C CD1 . LEU A 1 72 ? -2.466  -7.199  -9.467  1.00 19.32 ? 101 LEU A CD1 1 
ATOM   591 C CD2 . LEU A 1 72 ? -3.159  -6.105  -11.627 1.00 26.83 ? 101 LEU A CD2 1 
ATOM   592 N N   . PRO A 1 73 ? -1.233  -10.709 -11.092 1.00 20.78 ? 102 PRO A N   1 
ATOM   593 C CA  . PRO A 1 73 ? -1.665  -11.985 -11.650 1.00 20.67 ? 102 PRO A CA  1 
ATOM   594 C C   . PRO A 1 73 ? -2.969  -11.877 -12.410 1.00 23.24 ? 102 PRO A C   1 
ATOM   595 O O   . PRO A 1 73 ? -3.764  -10.990 -12.138 1.00 24.02 ? 102 PRO A O   1 
ATOM   596 C CB  . PRO A 1 73 ? -1.839  -12.859 -10.408 1.00 21.60 ? 102 PRO A CB  1 
ATOM   597 C CG  . PRO A 1 73 ? -1.056  -12.175 -9.340  1.00 21.90 ? 102 PRO A CG  1 
ATOM   598 C CD  . PRO A 1 73 ? -1.273  -10.735 -9.624  1.00 19.61 ? 102 PRO A CD  1 
ATOM   599 N N   . TYR A 1 74 ? -3.177  -12.778 -13.355 1.00 25.33 ? 103 TYR A N   1 
ATOM   600 C CA  . TYR A 1 74 ? -4.464  -12.897 -14.014 1.00 25.72 ? 103 TYR A CA  1 
ATOM   601 C C   . TYR A 1 74 ? -5.312  -13.824 -13.196 1.00 27.53 ? 103 TYR A C   1 
ATOM   602 O O   . TYR A 1 74 ? -4.805  -14.735 -12.542 1.00 29.33 ? 103 TYR A O   1 
ATOM   603 C CB  . TYR A 1 74 ? -4.302  -13.397 -15.448 1.00 29.46 ? 103 TYR A CB  1 
ATOM   604 C CG  . TYR A 1 74 ? -3.505  -12.404 -16.227 1.00 30.74 ? 103 TYR A CG  1 
ATOM   605 C CD1 . TYR A 1 74 ? -4.094  -11.231 -16.677 1.00 34.20 ? 103 TYR A CD1 1 
ATOM   606 C CD2 . TYR A 1 74 ? -2.138  -12.583 -16.433 1.00 32.43 ? 103 TYR A CD2 1 
ATOM   607 C CE1 . TYR A 1 74 ? -3.362  -10.281 -17.356 1.00 37.31 ? 103 TYR A CE1 1 
ATOM   608 C CE2 . TYR A 1 74 ? -1.386  -11.631 -17.111 1.00 27.90 ? 103 TYR A CE2 1 
ATOM   609 C CZ  . TYR A 1 74 ? -2.009  -10.487 -17.572 1.00 32.25 ? 103 TYR A CZ  1 
ATOM   610 O OH  . TYR A 1 74 ? -1.285  -9.531  -18.244 1.00 32.19 ? 103 TYR A OH  1 
ATOM   611 N N   . ALA A 1 75 ? -6.605  -13.564 -13.196 1.00 27.30 ? 104 ALA A N   1 
ATOM   612 C CA  . ALA A 1 75 ? -7.527  -14.370 -12.442 1.00 27.75 ? 104 ALA A CA  1 
ATOM   613 C C   . ALA A 1 75 ? -7.584  -15.779 -13.014 1.00 33.27 ? 104 ALA A C   1 
ATOM   614 O O   . ALA A 1 75 ? -7.300  -15.991 -14.198 1.00 32.54 ? 104 ALA A O   1 
ATOM   615 C CB  . ALA A 1 75 ? -8.904  -13.722 -12.440 1.00 30.34 ? 104 ALA A CB  1 
ATOM   616 N N   . ALA A 1 76 ? -7.926  -16.740 -12.159 1.00 33.97 ? 105 ALA A N   1 
ATOM   617 C CA  . ALA A 1 76 ? -8.204  -18.100 -12.592 1.00 37.08 ? 105 ALA A CA  1 
ATOM   618 C C   . ALA A 1 76 ? -9.708  -18.331 -12.744 1.00 52.14 ? 105 ALA A C   1 
ATOM   619 O O   . ALA A 1 76 ? -10.494 -17.891 -11.896 1.00 56.75 ? 105 ALA A O   1 
ATOM   620 C CB  . ALA A 1 76 ? -7.630  -19.090 -11.608 1.00 35.30 ? 105 ALA A CB  1 
ATOM   621 N N   . ALA A 1 77 ? -10.098 -19.009 -13.826 1.00 52.99 ? 106 ALA A N   1 
ATOM   622 C CA  . ALA A 1 77 ? -11.429 -19.621 -13.955 1.00 56.12 ? 106 ALA A CA  1 
ATOM   623 C C   . ALA A 1 77 ? -12.571 -18.616 -13.860 1.00 63.85 ? 106 ALA A C   1 
ATOM   624 O O   . ALA A 1 77 ? -13.714 -18.995 -13.583 1.00 71.23 ? 106 ALA A O   1 
ATOM   625 C CB  . ALA A 1 77 ? -11.613 -20.724 -12.889 1.00 54.17 ? 106 ALA A CB  1 
HETATM 626 O O   . HOH B 2 .  ? 6.249   13.413  4.753   1.00 40.87 ? 201 HOH A O   1 
HETATM 627 O O   . HOH B 2 .  ? -10.850 0.957   -11.814 1.00 42.71 ? 202 HOH A O   1 
HETATM 628 O O   . HOH B 2 .  ? 1.667   2.501   16.774  1.00 35.83 ? 203 HOH A O   1 
HETATM 629 O O   . HOH B 2 .  ? 8.755   -3.565  1.603   1.00 31.92 ? 204 HOH A O   1 
HETATM 630 O O   . HOH B 2 .  ? 6.896   9.187   0.466   1.00 32.17 ? 205 HOH A O   1 
HETATM 631 O O   . HOH B 2 .  ? -2.848  -5.831  9.514   1.00 35.39 ? 206 HOH A O   1 
HETATM 632 O O   . HOH B 2 .  ? 1.709   -9.830  8.790   1.00 41.62 ? 207 HOH A O   1 
HETATM 633 O O   . HOH B 2 .  ? 3.293   7.933   -5.582  1.00 31.33 ? 208 HOH A O   1 
HETATM 634 O O   . HOH B 2 .  ? 11.027  7.644   8.068   1.00 29.90 ? 209 HOH A O   1 
HETATM 635 O O   . HOH B 2 .  ? -8.851  10.153  1.968   1.00 33.00 ? 210 HOH A O   1 
HETATM 636 O O   . HOH B 2 .  ? -1.428  10.107  7.666   1.00 27.22 ? 211 HOH A O   1 
HETATM 637 O O   . HOH B 2 .  ? -2.991  -16.496 -13.556 1.00 41.07 ? 212 HOH A O   1 
HETATM 638 O O   . HOH B 2 .  ? 0.137   -11.712 2.426   1.00 25.92 ? 213 HOH A O   1 
HETATM 639 O O   . HOH B 2 .  ? 8.479   -0.160  5.354   1.00 20.28 ? 214 HOH A O   1 
HETATM 640 O O   . HOH B 2 .  ? 12.081  11.227  1.099   1.00 46.23 ? 215 HOH A O   1 
HETATM 641 O O   . HOH B 2 .  ? -6.021  -9.410  -12.668 1.00 26.99 ? 216 HOH A O   1 
HETATM 642 O O   . HOH B 2 .  ? 4.375   10.833  0.080   1.00 26.06 ? 217 HOH A O   1 
HETATM 643 O O   . HOH B 2 .  ? 10.679  -5.386  -12.980 1.00 24.44 ? 218 HOH A O   1 
HETATM 644 O O   . HOH B 2 .  ? 9.673   13.794  10.407  1.00 42.02 ? 219 HOH A O   1 
HETATM 645 O O   . HOH B 2 .  ? 7.835   3.061   3.952   1.00 29.92 ? 220 HOH A O   1 
HETATM 646 O O   . HOH B 2 .  ? -5.629  8.494   8.455   1.00 31.58 ? 221 HOH A O   1 
HETATM 647 O O   . HOH B 2 .  ? -5.312  0.019   10.916  1.00 27.20 ? 222 HOH A O   1 
HETATM 648 O O   . HOH B 2 .  ? -3.448  8.877   6.555   1.00 28.27 ? 223 HOH A O   1 
HETATM 649 O O   . HOH B 2 .  ? 3.783   6.346   -7.937  1.00 36.40 ? 224 HOH A O   1 
HETATM 650 O O   . HOH B 2 .  ? -4.860  -4.153  3.656   1.00 30.07 ? 225 HOH A O   1 
HETATM 651 O O   . HOH B 2 .  ? -7.831  -16.441 -9.236  1.00 45.10 ? 226 HOH A O   1 
HETATM 652 O O   . HOH B 2 .  ? -6.306  -6.962  -11.471 1.00 35.05 ? 227 HOH A O   1 
HETATM 653 O O   . HOH B 2 .  ? 7.312   4.396   -1.137  1.00 29.08 ? 228 HOH A O   1 
HETATM 654 O O   . HOH B 2 .  ? -1.482  14.464  8.706   1.00 41.37 ? 229 HOH A O   1 
HETATM 655 O O   . HOH B 2 .  ? -0.748  -14.608 -13.745 1.00 27.66 ? 230 HOH A O   1 
HETATM 656 O O   . HOH B 2 .  ? -4.452  0.652   -12.008 1.00 35.74 ? 231 HOH A O   1 
HETATM 657 O O   . HOH B 2 .  ? -2.131  -1.192  -11.911 1.00 39.61 ? 232 HOH A O   1 
HETATM 658 O O   . HOH B 2 .  ? 7.790   -1.994  -2.069  1.00 43.05 ? 233 HOH A O   1 
HETATM 659 O O   . HOH B 2 .  ? 9.058   2.591   0.760   1.00 39.81 ? 234 HOH A O   1 
HETATM 660 O O   . HOH B 2 .  ? 9.622   -1.031  2.854   1.00 26.67 ? 235 HOH A O   1 
HETATM 661 O O   . HOH B 2 .  ? -4.877  10.116  -4.028  1.00 33.73 ? 236 HOH A O   1 
# 
